data_4L9L
#
_entry.id   4L9L
#
_cell.length_a   82.767
_cell.length_b   86.980
_cell.length_c   156.345
_cell.angle_alpha   90.000
_cell.angle_beta   90.000
_cell.angle_gamma   90.000
#
_symmetry.space_group_name_H-M   'P 21 21 21'
#
loop_
_entity.id
_entity.type
_entity.pdbx_description
1 polymer 'Beta-2-microglobulin, MHC class I-related protein'
2 polymer 'Human MAIT TCR alpha chain'
3 polymer 'Human MAIT TCR beta chain'
4 non-polymer 'SULFATE ION'
5 water water
#
loop_
_entity_poly.entity_id
_entity_poly.type
_entity_poly.pdbx_seq_one_letter_code
_entity_poly.pdbx_strand_id
1 'polypeptide(L)'
;IQRPPKIQVYSRHPPEDGKPNYLNCYVYGFHPPQIEIDLLKNGEKIKSEQSDLSFSKDWSFYLLSHAEFTPNSKDQYSCR
VKHVTLEQPRIVKWDRDLGGGGSGGSGSGGGGSRTHSLRYFRLGISEPGYGIPEFISAGYVDSHPITMYNSVSQL(KFP)
EPRALWMEENLAPDHWERYTQLLRGWQQAFKVELKQLQHHYNHSGFHTYQRMIGCELLEDGSITGFLQYAYDGQDFLIFN
KDTLSWMAMDNVADIIRRVWEANRHELQYQKNWLEEECIAWLKRFLEYGKDALQRTEPPKVRVNHKETFPGITTLYCRAY
GFYPPEISINWMKNGEEIFQDTDYGGILPSGDGTYQTWVSVELDPQNGDIYSCHVEHGGVHMVLQGFQESETILGG
;
C
2 'polypeptide(L)'
;MAGQNIDQPTEMTATEGAIVQINCTYQTSGFNGLFWYQQHAGEAPTFLSYNVLDGLEEKGRFSSFLSRSKGYSYLLLKEL
QMKDSASYLCAPLDSNYQLIWGAGTKLIIKPNIQNPDPAVYQLRDSKSSDKSVCLFTDFDSQTNVSQSKDSDVYITDKCV
LDMRSMDFKSNSAVAWSNKSDFACANAFNNSIIPEDTFFPSPESSALE
;
A
3 'polypeptide(L)'
;MANAGVTQTPKFRVLKTGQSMTLLCAQDMNHEYMYWYRQDPGMGLRLIHYSVGEGTTAKGEVPDGYNVSRLKKQNFLLGL
ESAAPSQTSVYFCASSYPPDGGNTIYFGEGSWLTVVEDLKNVFPPEVAVFEPSEAEISHTQKATLVCLATGFYPDHVELS
WWVNGKEVHSGVCTDPQPLKEQPALNDSRYALSSRLRVSATFWQNPRNHFRCQVQFYGLSENDEWTQDRAKPVTQIVSAE
AWGRADSAAALE
;
B
#
# COMPACT_ATOMS: atom_id res chain seq x y z
N ILE A 1 -13.04 9.30 32.61
CA ILE A 1 -14.01 9.16 33.69
C ILE A 1 -14.16 7.70 34.09
N GLN A 2 -14.83 7.46 35.22
CA GLN A 2 -15.09 6.11 35.69
C GLN A 2 -16.58 5.89 35.87
N ARG A 3 -17.08 4.75 35.40
CA ARG A 3 -18.51 4.45 35.44
C ARG A 3 -18.78 3.26 36.36
N PRO A 4 -19.59 3.46 37.40
CA PRO A 4 -19.95 2.38 38.33
C PRO A 4 -20.80 1.32 37.65
N PRO A 5 -20.49 0.04 37.88
CA PRO A 5 -21.15 -1.06 37.18
C PRO A 5 -22.61 -1.24 37.58
N LYS A 6 -23.46 -1.54 36.62
CA LYS A 6 -24.84 -1.94 36.88
C LYS A 6 -24.91 -3.46 36.86
N ILE A 7 -25.58 -4.03 37.85
CA ILE A 7 -25.62 -5.48 38.00
C ILE A 7 -27.06 -6.00 37.97
N GLN A 8 -27.24 -7.15 37.33
CA GLN A 8 -28.52 -7.85 37.34
C GLN A 8 -28.29 -9.36 37.36
N VAL A 9 -29.09 -10.07 38.15
CA VAL A 9 -28.98 -11.52 38.24
C VAL A 9 -30.29 -12.21 37.91
N TYR A 10 -30.23 -13.17 36.98
CA TYR A 10 -31.42 -13.85 36.50
C TYR A 10 -31.05 -15.19 35.87
N SER A 11 -32.06 -16.03 35.64
CA SER A 11 -31.85 -17.35 35.08
C SER A 11 -32.14 -17.39 33.59
N ARG A 12 -31.56 -18.36 32.88
CA ARG A 12 -31.71 -18.46 31.43
C ARG A 12 -33.18 -18.63 31.03
N HIS A 13 -33.79 -19.68 31.55
CA HIS A 13 -35.24 -19.83 31.48
C HIS A 13 -35.78 -20.20 32.87
N PRO A 14 -37.06 -19.88 33.14
CA PRO A 14 -37.61 -20.04 34.50
C PRO A 14 -37.55 -21.48 35.03
N PRO A 15 -37.53 -21.64 36.36
CA PRO A 15 -37.31 -22.94 37.01
C PRO A 15 -38.59 -23.58 37.53
N TYR A 22 -29.79 -22.43 34.08
CA TYR A 22 -28.55 -21.67 34.06
C TYR A 22 -28.75 -20.33 34.76
N LEU A 23 -27.74 -19.88 35.52
CA LEU A 23 -27.81 -18.61 36.21
C LEU A 23 -26.90 -17.58 35.54
N ASN A 24 -27.42 -16.38 35.30
CA ASN A 24 -26.64 -15.31 34.67
C ASN A 24 -26.30 -14.16 35.60
N CYS A 25 -25.03 -13.81 35.68
CA CYS A 25 -24.62 -12.56 36.28
C CYS A 25 -24.23 -11.65 35.12
N TYR A 26 -24.94 -10.55 34.97
CA TYR A 26 -24.74 -9.70 33.80
C TYR A 26 -24.37 -8.28 34.23
N TYR A 28 -22.85 -4.58 33.42
CA TYR A 28 -22.79 -3.70 32.25
C TYR A 28 -22.64 -2.23 32.60
N GLY A 29 -22.26 -1.43 31.61
CA GLY A 29 -22.17 0.00 31.76
C GLY A 29 -21.06 0.49 32.67
N PHE A 30 -19.97 -0.27 32.71
CA PHE A 30 -18.88 0.05 33.63
C PHE A 30 -17.59 0.43 32.90
N HIS A 31 -16.67 1.05 33.64
CA HIS A 31 -15.40 1.53 33.11
C HIS A 31 -14.58 2.02 34.30
N PRO A 32 -13.27 1.69 34.34
CA PRO A 32 -12.38 0.94 33.44
C PRO A 32 -12.72 -0.56 33.38
N PRO A 33 -12.10 -1.30 32.45
CA PRO A 33 -12.42 -2.72 32.25
C PRO A 33 -12.05 -3.65 33.40
N GLN A 34 -11.33 -3.16 34.40
CA GLN A 34 -11.00 -3.97 35.57
C GLN A 34 -12.29 -4.40 36.27
N ILE A 35 -12.56 -5.69 36.30
CA ILE A 35 -13.69 -6.19 37.02
C ILE A 35 -13.53 -7.64 37.44
N GLU A 36 -13.82 -7.89 38.71
CA GLU A 36 -14.28 -9.17 39.22
C GLU A 36 -15.57 -9.03 40.05
N GLU A 49 -18.53 -19.65 34.46
CA GLU A 49 -18.03 -19.27 33.13
C GLU A 49 -18.15 -17.77 32.90
N GLN A 50 -17.26 -17.23 32.07
CA GLN A 50 -17.30 -15.81 31.73
C GLN A 50 -17.11 -15.58 30.24
N SER A 51 -17.95 -14.73 29.66
CA SER A 51 -17.88 -14.43 28.24
C SER A 51 -16.69 -13.52 27.94
N ASP A 52 -16.55 -13.16 26.68
CA ASP A 52 -15.49 -12.24 26.27
C ASP A 52 -15.89 -10.81 26.61
N LEU A 53 -14.90 -9.96 26.86
CA LEU A 53 -15.16 -8.55 27.14
C LEU A 53 -15.81 -7.90 25.93
N SER A 54 -16.87 -7.15 26.15
CA SER A 54 -17.59 -6.52 25.05
C SER A 54 -17.70 -5.00 25.25
N PHE A 55 -18.00 -4.28 24.16
CA PHE A 55 -18.05 -2.82 24.19
C PHE A 55 -19.37 -2.30 23.67
N SER A 56 -19.86 -1.22 24.26
CA SER A 56 -21.09 -0.60 23.80
C SER A 56 -20.79 0.74 23.15
N LYS A 57 -21.85 1.37 22.63
CA LYS A 57 -21.70 2.60 21.86
C LYS A 57 -21.23 3.79 22.71
N ASP A 58 -21.39 3.67 24.02
CA ASP A 58 -21.05 4.75 24.94
C ASP A 58 -19.70 4.51 25.59
N TRP A 59 -18.92 3.59 25.02
CA TRP A 59 -17.56 3.24 25.46
C TRP A 59 -17.49 2.37 26.73
N SER A 60 -18.63 2.13 27.36
CA SER A 60 -18.67 1.27 28.54
C SER A 60 -18.43 -0.18 28.13
N PHE A 61 -18.21 -1.05 29.10
CA PHE A 61 -18.00 -2.46 28.85
C PHE A 61 -19.10 -3.31 29.48
N TYR A 62 -19.27 -4.54 29.02
CA TYR A 62 -20.26 -5.45 29.59
C TYR A 62 -19.85 -6.92 29.51
N LEU A 63 -20.14 -7.67 30.57
CA LEU A 63 -19.75 -9.07 30.62
C LEU A 63 -20.91 -9.97 31.04
N LEU A 64 -20.84 -11.23 30.65
CA LEU A 64 -21.85 -12.20 31.07
C LEU A 64 -21.20 -13.41 31.72
N SER A 65 -21.49 -13.59 33.01
CA SER A 65 -20.97 -14.72 33.75
C SER A 65 -22.12 -15.67 34.05
N HIS A 66 -22.01 -16.92 33.61
CA HIS A 66 -23.09 -17.88 33.79
C HIS A 66 -22.65 -19.21 34.44
N ALA A 67 -23.55 -19.78 35.23
CA ALA A 67 -23.27 -21.03 35.94
C ALA A 67 -23.67 -22.23 35.11
N SER A 78 -26.28 -15.75 44.87
CA SER A 78 -25.93 -14.34 44.85
C SER A 78 -24.71 -14.05 43.98
N CYS A 79 -24.42 -12.78 43.75
CA CYS A 79 -23.29 -12.39 42.90
C CYS A 79 -22.46 -11.22 43.44
N ARG A 80 -21.15 -11.42 43.50
CA ARG A 80 -20.25 -10.38 44.01
C ARG A 80 -19.46 -9.72 42.88
N VAL A 81 -19.50 -8.39 42.85
CA VAL A 81 -18.80 -7.64 41.81
C VAL A 81 -17.87 -6.61 42.45
N LYS A 82 -16.58 -6.70 42.14
CA LYS A 82 -15.61 -5.75 42.68
C LYS A 82 -15.11 -4.82 41.59
N HIS A 83 -15.15 -3.52 41.87
CA HIS A 83 -14.76 -2.49 40.91
C HIS A 83 -14.11 -1.29 41.59
N VAL A 84 -13.46 -0.44 40.79
CA VAL A 84 -12.75 0.72 41.31
C VAL A 84 -13.69 1.79 41.87
N THR A 85 -14.95 1.74 41.42
CA THR A 85 -15.96 2.69 41.85
C THR A 85 -16.72 2.15 43.05
N LEU A 86 -16.26 1.01 43.57
CA LEU A 86 -16.89 0.38 44.72
C LEU A 86 -15.87 0.20 45.84
N GLU A 87 -16.14 0.81 46.99
CA GLU A 87 -15.29 0.63 48.16
C GLU A 87 -15.46 -0.78 48.69
N GLN A 88 -16.68 -1.09 49.14
CA GLN A 88 -17.04 -2.45 49.47
C GLN A 88 -17.65 -3.09 48.23
N PRO A 89 -17.29 -4.35 47.96
CA PRO A 89 -17.84 -5.09 46.81
C PRO A 89 -19.37 -5.18 46.91
N ARG A 90 -20.07 -4.90 45.81
CA ARG A 90 -21.52 -4.95 45.81
C ARG A 90 -22.06 -6.36 45.67
N ILE A 91 -23.10 -6.67 46.45
CA ILE A 91 -23.72 -7.98 46.46
C ILE A 91 -25.16 -7.93 45.98
N VAL A 92 -25.50 -8.83 45.07
CA VAL A 92 -26.86 -8.98 44.59
C VAL A 92 -27.22 -10.47 44.66
N LYS A 93 -28.43 -10.76 45.11
CA LYS A 93 -28.88 -12.15 45.18
C LYS A 93 -30.02 -12.39 44.21
N TRP A 94 -30.13 -13.64 43.74
CA TRP A 94 -31.21 -14.00 42.85
C TRP A 94 -32.41 -14.47 43.66
N ASP A 95 -33.50 -13.72 43.58
CA ASP A 95 -34.72 -14.06 44.29
C ASP A 95 -35.92 -13.92 43.36
N ARG A 96 -36.68 -15.00 43.23
CA ARG A 96 -37.88 -14.99 42.39
C ARG A 96 -39.11 -15.17 43.26
N ARG A 114 -36.12 -2.47 11.88
CA ARG A 114 -35.04 -3.44 12.00
C ARG A 114 -33.86 -3.04 11.11
N THR A 115 -33.02 -2.15 11.61
CA THR A 115 -31.85 -1.70 10.84
C THR A 115 -30.64 -2.52 11.23
N HIS A 116 -29.88 -2.96 10.22
CA HIS A 116 -28.70 -3.77 10.46
C HIS A 116 -27.43 -2.91 10.50
N SER A 117 -26.49 -3.26 11.36
CA SER A 117 -25.24 -2.51 11.48
C SER A 117 -24.02 -3.41 11.58
N LEU A 118 -22.86 -2.85 11.28
CA LEU A 118 -21.59 -3.53 11.44
C LEU A 118 -20.63 -2.59 12.17
N ARG A 119 -20.14 -3.02 13.34
CA ARG A 119 -19.25 -2.19 14.14
C ARG A 119 -17.91 -2.88 14.39
N TYR A 120 -16.87 -2.08 14.55
CA TYR A 120 -15.56 -2.61 14.94
C TYR A 120 -14.97 -1.78 16.08
N PHE A 121 -14.63 -2.44 17.20
CA PHE A 121 -14.12 -1.76 18.37
C PHE A 121 -12.65 -2.07 18.64
N ARG A 122 -11.92 -1.08 19.13
CA ARG A 122 -10.56 -1.27 19.61
C ARG A 122 -10.43 -0.78 21.04
N LEU A 123 -9.83 -1.62 21.90
CA LEU A 123 -9.58 -1.25 23.27
C LEU A 123 -8.07 -1.24 23.54
N GLY A 124 -7.54 -0.04 23.83
CA GLY A 124 -6.13 0.12 24.13
C GLY A 124 -5.88 0.33 25.61
N ILE A 125 -4.76 -0.21 26.10
CA ILE A 125 -4.38 -0.08 27.50
C ILE A 125 -2.93 0.37 27.64
N SER A 126 -2.73 1.55 28.22
CA SER A 126 -1.40 2.11 28.38
C SER A 126 -0.48 1.19 29.16
N GLU A 127 0.80 1.18 28.79
CA GLU A 127 1.78 0.27 29.39
C GLU A 127 1.98 0.51 30.88
N PRO A 128 2.21 -0.58 31.65
CA PRO A 128 2.25 -1.98 31.21
C PRO A 128 0.87 -2.61 31.06
N GLY A 129 0.82 -3.93 30.93
CA GLY A 129 -0.43 -4.64 30.68
C GLY A 129 -1.50 -4.47 31.74
N TYR A 130 -1.09 -4.33 33.00
CA TYR A 130 -2.01 -4.27 34.14
C TYR A 130 -2.87 -5.54 34.28
N GLY A 131 -2.40 -6.66 33.74
CA GLY A 131 -3.12 -7.91 33.83
C GLY A 131 -4.13 -8.12 32.71
N ILE A 132 -4.56 -7.04 32.09
CA ILE A 132 -5.45 -7.08 30.94
C ILE A 132 -4.60 -7.05 29.67
N PRO A 133 -5.06 -7.73 28.61
CA PRO A 133 -4.41 -7.55 27.31
C PRO A 133 -4.36 -6.08 26.91
N GLU A 134 -3.21 -5.62 26.41
CA GLU A 134 -3.03 -4.21 26.07
C GLU A 134 -3.89 -3.81 24.89
N PHE A 135 -4.03 -4.71 23.92
CA PHE A 135 -4.84 -4.43 22.74
C PHE A 135 -5.88 -5.51 22.49
N ILE A 136 -7.13 -5.08 22.32
CA ILE A 136 -8.23 -5.98 21.99
C ILE A 136 -9.11 -5.34 20.91
N SER A 137 -9.33 -6.09 19.84
CA SER A 137 -10.21 -5.63 18.77
C SER A 137 -11.31 -6.63 18.52
N ALA A 138 -12.55 -6.14 18.49
CA ALA A 138 -13.70 -7.02 18.33
C ALA A 138 -14.74 -6.42 17.37
N GLY A 139 -15.29 -7.27 16.49
CA GLY A 139 -16.29 -6.81 15.54
C GLY A 139 -17.68 -7.27 15.91
N TYR A 140 -18.69 -6.49 15.52
CA TYR A 140 -20.08 -6.80 15.82
C TYR A 140 -20.99 -6.49 14.65
N VAL A 141 -21.86 -7.43 14.32
CA VAL A 141 -22.95 -7.16 13.39
C VAL A 141 -24.29 -7.42 14.11
N ASP A 142 -25.10 -6.36 14.23
CA ASP A 142 -26.35 -6.41 14.98
C ASP A 142 -26.11 -6.84 16.43
N SER A 143 -25.02 -6.35 17.01
CA SER A 143 -24.63 -6.71 18.37
C SER A 143 -24.42 -8.21 18.55
N HIS A 144 -24.03 -8.87 17.47
CA HIS A 144 -23.64 -10.27 17.52
C HIS A 144 -22.14 -10.38 17.33
N PRO A 145 -21.45 -11.00 18.32
CA PRO A 145 -20.00 -11.15 18.27
C PRO A 145 -19.54 -12.01 17.09
N ILE A 146 -18.52 -11.53 16.37
CA ILE A 146 -18.02 -12.23 15.18
C ILE A 146 -16.49 -12.42 15.14
N THR A 147 -15.74 -11.33 15.25
CA THR A 147 -14.28 -11.40 15.20
C THR A 147 -13.67 -11.01 16.55
N MET A 148 -12.54 -11.59 16.92
CA MET A 148 -11.97 -11.39 18.26
C MET A 148 -10.44 -11.50 18.37
N TYR A 149 -9.78 -10.34 18.38
CA TYR A 149 -8.31 -10.29 18.45
C TYR A 149 -7.77 -9.67 19.74
N ASN A 150 -6.70 -10.24 20.28
CA ASN A 150 -6.07 -9.67 21.48
C ASN A 150 -4.53 -9.67 21.49
N SER A 153 -2.20 -13.69 22.85
CA SER A 153 -2.21 -14.57 21.70
C SER A 153 -2.76 -13.85 20.48
N GLN A 154 -1.88 -13.52 19.54
CA GLN A 154 -2.25 -12.73 18.37
C GLN A 154 -2.87 -13.57 17.24
N LEU A 155 -4.17 -13.85 17.35
CA LEU A 155 -4.93 -14.52 16.29
C LEU A 155 -6.28 -13.88 15.85
N GLU A 157 -9.72 -14.57 15.09
CA GLU A 157 -10.62 -15.65 15.43
C GLU A 157 -12.09 -15.31 15.30
N PRO A 158 -12.87 -16.26 14.62
CA PRO A 158 -14.29 -15.94 14.64
C PRO A 158 -15.01 -16.29 15.91
N ARG A 159 -16.13 -15.64 16.11
CA ARG A 159 -16.94 -15.82 17.31
C ARG A 159 -18.32 -16.40 16.96
N ALA A 160 -18.55 -16.59 15.66
CA ALA A 160 -19.80 -17.18 15.18
C ALA A 160 -19.55 -18.43 14.33
N LEU A 161 -20.58 -19.26 14.18
CA LEU A 161 -20.48 -20.48 13.39
C LEU A 161 -20.52 -20.19 11.89
N TRP A 162 -21.38 -19.26 11.50
CA TRP A 162 -21.53 -18.89 10.10
C TRP A 162 -20.40 -17.99 9.61
N MET A 163 -19.57 -17.52 10.54
CA MET A 163 -18.41 -16.72 10.17
C MET A 163 -17.27 -17.60 9.66
N GLU A 164 -16.98 -18.67 10.39
CA GLU A 164 -15.86 -19.52 10.05
C GLU A 164 -16.19 -20.44 8.88
N GLU A 165 -17.42 -20.92 8.82
CA GLU A 165 -17.82 -21.86 7.79
C GLU A 165 -17.97 -21.20 6.42
N ASN A 166 -18.17 -19.89 6.42
CA ASN A 166 -18.32 -19.14 5.17
C ASN A 166 -17.04 -18.46 4.72
N LEU A 167 -16.01 -18.54 5.56
CA LEU A 167 -14.72 -17.91 5.25
C LEU A 167 -13.57 -18.92 5.13
N ALA A 168 -12.82 -18.80 4.05
CA ALA A 168 -11.64 -19.63 3.83
C ALA A 168 -10.54 -19.26 4.81
N PRO A 169 -9.67 -20.23 5.16
CA PRO A 169 -8.60 -20.00 6.14
C PRO A 169 -7.58 -18.95 5.71
N ASP A 170 -7.57 -18.60 4.43
CA ASP A 170 -6.69 -17.54 3.95
C ASP A 170 -7.16 -16.18 4.44
N HIS A 171 -8.45 -16.05 4.66
CA HIS A 171 -9.03 -14.78 5.10
C HIS A 171 -8.56 -14.39 6.49
N TRP A 172 -8.48 -15.37 7.38
CA TRP A 172 -8.08 -15.11 8.75
C TRP A 172 -6.58 -14.87 8.84
N GLU A 173 -5.82 -15.52 7.96
CA GLU A 173 -4.37 -15.39 7.93
C GLU A 173 -3.95 -14.00 7.48
N ARG A 174 -4.76 -13.40 6.63
CA ARG A 174 -4.43 -12.09 6.07
C ARG A 174 -4.74 -10.99 7.07
N TYR A 175 -5.86 -11.13 7.78
CA TYR A 175 -6.28 -10.11 8.73
C TYR A 175 -5.60 -10.23 10.09
N THR A 176 -5.14 -11.43 10.45
CA THR A 176 -4.39 -11.59 11.68
C THR A 176 -3.08 -10.81 11.54
N GLN A 177 -2.66 -10.62 10.29
CA GLN A 177 -1.46 -9.85 10.00
C GLN A 177 -1.78 -8.37 10.15
N LEU A 178 -2.81 -7.90 9.46
CA LEU A 178 -3.24 -6.50 9.59
C LEU A 178 -3.37 -6.06 11.05
N LEU A 179 -3.99 -6.91 11.87
CA LEU A 179 -4.22 -6.60 13.27
C LEU A 179 -2.94 -6.37 14.07
N ARG A 180 -1.88 -7.06 13.69
CA ARG A 180 -0.59 -6.90 14.36
C ARG A 180 -0.02 -5.52 14.06
N GLY A 181 -0.22 -5.04 12.83
CA GLY A 181 0.22 -3.71 12.47
C GLY A 181 -0.67 -2.68 13.13
N TRP A 182 -1.91 -3.07 13.40
CA TRP A 182 -2.89 -2.19 14.01
C TRP A 182 -2.70 -2.13 15.51
N GLN A 183 -2.23 -3.24 16.09
CA GLN A 183 -1.97 -3.29 17.51
C GLN A 183 -0.82 -2.35 17.86
N GLN A 184 0.26 -2.45 17.09
CA GLN A 184 1.44 -1.62 17.33
C GLN A 184 1.15 -0.14 17.10
N ALA A 185 0.38 0.16 16.07
CA ALA A 185 0.05 1.54 15.74
C ALA A 185 -0.84 2.16 16.82
N PHE A 186 -1.55 1.31 17.54
CA PHE A 186 -2.45 1.77 18.59
C PHE A 186 -1.65 2.13 19.83
N LYS A 187 -0.62 1.33 20.11
CA LYS A 187 0.27 1.55 21.25
C LYS A 187 0.98 2.90 21.13
N VAL A 188 1.40 3.23 19.91
CA VAL A 188 2.13 4.46 19.65
C VAL A 188 1.23 5.69 19.78
N GLU A 189 -0.03 5.55 19.38
CA GLU A 189 -0.99 6.63 19.55
C GLU A 189 -1.31 6.83 21.03
N LEU A 190 -1.22 5.74 21.79
CA LEU A 190 -1.47 5.80 23.22
C LEU A 190 -0.37 6.57 23.95
N LYS A 191 0.88 6.21 23.68
CA LYS A 191 2.01 6.93 24.27
C LYS A 191 1.95 8.41 23.92
N GLN A 192 1.64 8.70 22.67
CA GLN A 192 1.59 10.08 22.19
C GLN A 192 0.56 10.90 22.97
N LEU A 193 -0.57 10.25 23.29
CA LEU A 193 -1.63 10.90 24.04
C LEU A 193 -1.21 11.23 25.48
N GLN A 194 -0.64 10.24 26.15
CA GLN A 194 -0.20 10.41 27.53
C GLN A 194 0.81 11.54 27.65
N HIS A 195 1.63 11.72 26.63
CA HIS A 195 2.62 12.80 26.60
C HIS A 195 1.92 14.14 26.37
N HIS A 196 0.77 14.10 25.70
CA HIS A 196 0.01 15.31 25.41
C HIS A 196 -0.83 15.76 26.60
N TYR A 197 -1.39 14.81 27.32
CA TYR A 197 -2.17 15.12 28.52
C TYR A 197 -1.24 15.32 29.72
N ASN A 198 0.05 15.11 29.49
CA ASN A 198 1.08 15.26 30.51
C ASN A 198 0.84 14.43 31.77
N HIS A 199 0.48 13.16 31.57
CA HIS A 199 0.36 12.22 32.69
C HIS A 199 0.63 10.78 32.27
N SER A 200 1.07 9.96 33.23
CA SER A 200 1.40 8.57 32.94
C SER A 200 0.62 7.63 33.83
N GLY A 201 0.81 6.33 33.61
CA GLY A 201 0.10 5.33 34.38
C GLY A 201 -1.05 4.72 33.59
N PHE A 202 -2.03 4.20 34.32
CA PHE A 202 -3.16 3.50 33.72
C PHE A 202 -4.13 4.43 33.00
N HIS A 203 -4.29 4.21 31.70
CA HIS A 203 -5.26 4.95 30.89
C HIS A 203 -5.77 4.07 29.75
N THR A 204 -7.01 4.30 29.32
CA THR A 204 -7.61 3.50 28.25
C THR A 204 -7.87 4.30 26.99
N TYR A 205 -7.60 3.68 25.84
CA TYR A 205 -7.79 4.33 24.53
C TYR A 205 -8.73 3.48 23.70
N GLN A 206 -9.83 4.08 23.24
CA GLN A 206 -10.87 3.32 22.56
C GLN A 206 -11.17 3.83 21.16
N ARG A 207 -11.39 2.89 20.23
CA ARG A 207 -11.74 3.23 18.86
C ARG A 207 -12.99 2.48 18.42
N MET A 208 -13.91 3.19 17.79
CA MET A 208 -15.11 2.56 17.26
C MET A 208 -15.37 3.04 15.85
N ILE A 209 -15.36 2.10 14.92
CA ILE A 209 -15.70 2.41 13.54
C ILE A 209 -16.83 1.47 13.12
N GLY A 210 -17.78 2.00 12.35
CA GLY A 210 -18.91 1.19 11.94
C GLY A 210 -19.84 1.88 10.98
N CYS A 211 -20.77 1.11 10.42
CA CYS A 211 -21.80 1.64 9.56
C CYS A 211 -23.10 0.88 9.81
N GLU A 212 -24.21 1.43 9.36
CA GLU A 212 -25.49 0.76 9.52
C GLU A 212 -26.41 0.97 8.31
N LEU A 213 -27.11 -0.10 7.94
CA LEU A 213 -28.05 -0.09 6.83
C LEU A 213 -29.47 -0.03 7.38
N LEU A 214 -30.18 1.06 7.08
CA LEU A 214 -31.55 1.23 7.52
C LEU A 214 -32.49 0.27 6.79
N GLU A 215 -33.66 0.04 7.37
CA GLU A 215 -34.65 -0.87 6.78
C GLU A 215 -35.04 -0.42 5.38
N ASP A 216 -35.01 0.89 5.16
CA ASP A 216 -35.42 1.46 3.89
C ASP A 216 -34.30 1.45 2.85
N GLY A 217 -33.07 1.21 3.29
CA GLY A 217 -31.94 1.16 2.38
C GLY A 217 -30.95 2.31 2.55
N SER A 218 -31.31 3.29 3.37
CA SER A 218 -30.41 4.41 3.65
C SER A 218 -29.25 3.96 4.53
N ILE A 219 -28.10 4.61 4.39
CA ILE A 219 -26.91 4.21 5.14
C ILE A 219 -26.24 5.38 5.87
N THR A 220 -25.58 5.05 6.98
CA THR A 220 -24.69 6.00 7.68
C THR A 220 -23.45 5.29 8.17
N GLY A 221 -22.41 6.07 8.45
CA GLY A 221 -21.15 5.54 8.95
C GLY A 221 -20.52 6.48 9.95
N PHE A 222 -19.62 5.96 10.78
CA PHE A 222 -19.06 6.74 11.87
C PHE A 222 -17.66 6.28 12.31
N LEU A 223 -16.84 7.24 12.74
CA LEU A 223 -15.53 6.92 13.30
C LEU A 223 -15.32 7.77 14.55
N GLN A 224 -15.12 7.11 15.69
CA GLN A 224 -14.95 7.83 16.94
C GLN A 224 -13.84 7.26 17.83
N TYR A 225 -13.11 8.15 18.49
CA TYR A 225 -12.06 7.77 19.42
C TYR A 225 -12.40 8.27 20.81
N ALA A 226 -12.02 7.52 21.83
CA ALA A 226 -12.30 7.90 23.21
C ALA A 226 -11.13 7.64 24.14
N TYR A 227 -10.79 8.64 24.94
CA TYR A 227 -9.70 8.53 25.91
C TYR A 227 -10.26 8.40 27.32
N ASP A 228 -9.85 7.34 28.01
CA ASP A 228 -10.34 7.05 29.37
C ASP A 228 -11.84 6.93 29.45
N GLY A 229 -12.47 6.58 28.32
CA GLY A 229 -13.91 6.36 28.30
C GLY A 229 -14.73 7.59 27.93
N GLN A 230 -14.08 8.74 27.85
CA GLN A 230 -14.75 9.96 27.43
C GLN A 230 -14.53 10.19 25.92
N ASP A 231 -15.54 10.73 25.25
CA ASP A 231 -15.43 11.05 23.83
C ASP A 231 -14.24 11.96 23.57
N PHE A 232 -13.40 11.57 22.62
CA PHE A 232 -12.16 12.27 22.35
C PHE A 232 -12.19 12.97 20.99
N LEU A 233 -12.30 12.17 19.92
CA LEU A 233 -12.42 12.71 18.57
C LEU A 233 -13.59 12.08 17.82
N ILE A 234 -14.36 12.91 17.13
CA ILE A 234 -15.50 12.42 16.36
C ILE A 234 -15.37 12.86 14.90
N PHE A 235 -15.55 11.90 13.99
CA PHE A 235 -15.34 12.16 12.57
C PHE A 235 -16.65 12.33 11.81
N ASN A 236 -16.73 13.42 11.06
CA ASN A 236 -17.86 13.65 10.17
C ASN A 236 -17.45 13.43 8.72
N LYS A 237 -17.95 12.36 8.11
CA LYS A 237 -17.55 11.99 6.76
C LYS A 237 -18.16 12.87 5.68
N ASP A 238 -19.19 13.62 6.03
CA ASP A 238 -19.84 14.48 5.06
C ASP A 238 -18.97 15.70 4.74
N THR A 239 -18.44 16.33 5.79
CA THR A 239 -17.62 17.53 5.63
C THR A 239 -16.12 17.24 5.67
N LEU A 240 -15.77 15.97 5.86
CA LEU A 240 -14.37 15.54 5.97
C LEU A 240 -13.61 16.35 7.01
N SER A 241 -14.07 16.26 8.26
CA SER A 241 -13.49 17.02 9.36
C SER A 241 -13.57 16.25 10.65
N TRP A 242 -12.67 16.55 11.58
CA TRP A 242 -12.70 15.94 12.89
C TRP A 242 -13.19 16.93 13.92
N MET A 243 -13.99 16.43 14.86
CA MET A 243 -14.55 17.25 15.93
C MET A 243 -13.86 16.97 17.26
N ALA A 244 -13.36 18.02 17.91
CA ALA A 244 -12.66 17.87 19.17
C ALA A 244 -13.29 18.71 20.28
N MET A 245 -13.63 18.07 21.40
CA MET A 245 -14.22 18.77 22.54
C MET A 245 -13.17 19.19 23.56
N ASP A 246 -11.93 18.76 23.34
CA ASP A 246 -10.86 19.01 24.29
C ASP A 246 -9.75 19.85 23.67
N ASN A 247 -9.06 20.63 24.50
CA ASN A 247 -7.92 21.41 24.04
C ASN A 247 -6.79 20.49 23.60
N VAL A 248 -6.65 19.36 24.30
CA VAL A 248 -5.62 18.37 23.98
C VAL A 248 -5.97 17.60 22.70
N ALA A 249 -7.24 17.20 22.59
CA ALA A 249 -7.70 16.47 21.42
C ALA A 249 -7.57 17.33 20.16
N ASP A 250 -7.65 18.65 20.35
CA ASP A 250 -7.57 19.60 19.24
C ASP A 250 -6.22 19.52 18.52
N ILE A 251 -5.19 19.07 19.24
CA ILE A 251 -3.87 18.90 18.67
C ILE A 251 -3.91 17.83 17.59
N ILE A 252 -4.43 16.66 17.94
CA ILE A 252 -4.49 15.55 17.00
C ILE A 252 -5.45 15.86 15.85
N ARG A 253 -6.46 16.69 16.14
CA ARG A 253 -7.39 17.12 15.11
C ARG A 253 -6.67 17.89 14.02
N ARG A 254 -5.73 18.75 14.41
CA ARG A 254 -4.96 19.54 13.45
C ARG A 254 -3.92 18.70 12.71
N VAL A 255 -3.54 17.58 13.28
CA VAL A 255 -2.62 16.66 12.61
C VAL A 255 -3.40 15.75 11.66
N TRP A 256 -4.60 15.36 12.08
CA TRP A 256 -5.41 14.43 11.31
C TRP A 256 -6.15 15.09 10.15
N GLU A 257 -6.38 16.40 10.27
CA GLU A 257 -6.98 17.14 9.16
C GLU A 257 -5.90 17.62 8.20
N ALA A 258 -4.65 17.54 8.65
CA ALA A 258 -3.51 17.90 7.82
C ALA A 258 -3.29 16.88 6.72
N ASN A 259 -3.78 15.66 6.95
CA ASN A 259 -3.68 14.59 5.96
C ASN A 259 -5.00 14.38 5.23
N ARG A 260 -5.08 14.87 4.00
CA ARG A 260 -6.33 14.83 3.24
C ARG A 260 -6.59 13.43 2.70
N HIS A 261 -5.54 12.75 2.29
CA HIS A 261 -5.67 11.41 1.69
C HIS A 261 -6.17 10.35 2.69
N GLU A 262 -5.95 10.58 3.98
CA GLU A 262 -6.51 9.73 5.01
C GLU A 262 -8.00 10.03 5.18
N LEU A 263 -8.34 11.31 5.24
CA LEU A 263 -9.72 11.75 5.39
C LEU A 263 -10.61 11.26 4.25
N GLN A 264 -10.13 11.44 3.02
CA GLN A 264 -10.82 10.96 1.83
C GLN A 264 -10.99 9.45 1.82
N TYR A 265 -9.99 8.74 2.34
CA TYR A 265 -10.06 7.29 2.40
C TYR A 265 -11.12 6.82 3.40
N GLN A 266 -11.19 7.48 4.55
CA GLN A 266 -12.14 7.09 5.60
C GLN A 266 -13.59 7.23 5.12
N LYS A 267 -13.84 8.22 4.27
CA LYS A 267 -15.17 8.40 3.72
C LYS A 267 -15.56 7.21 2.85
N ASN A 268 -14.65 6.83 1.96
CA ASN A 268 -14.88 5.70 1.07
C ASN A 268 -15.19 4.42 1.83
N TRP A 269 -14.40 4.10 2.83
CA TRP A 269 -14.53 2.83 3.54
C TRP A 269 -15.89 2.70 4.20
N LEU A 270 -16.27 3.73 4.94
CA LEU A 270 -17.56 3.75 5.62
C LEU A 270 -18.71 3.60 4.62
N GLU A 271 -18.70 4.46 3.60
CA GLU A 271 -19.80 4.55 2.64
C GLU A 271 -19.87 3.39 1.67
N GLU A 272 -18.73 2.94 1.19
CA GLU A 272 -18.71 1.89 0.18
C GLU A 272 -18.27 0.54 0.76
N GLU A 273 -17.04 0.49 1.25
CA GLU A 273 -16.43 -0.76 1.70
C GLU A 273 -17.16 -1.45 2.86
N CYS A 274 -17.49 -0.68 3.90
CA CYS A 274 -18.15 -1.22 5.09
C CYS A 274 -19.48 -1.90 4.78
N ILE A 275 -20.30 -1.24 3.97
CA ILE A 275 -21.62 -1.72 3.62
C ILE A 275 -21.54 -3.05 2.87
N ALA A 276 -20.54 -3.16 1.99
CA ALA A 276 -20.34 -4.39 1.23
C ALA A 276 -20.01 -5.53 2.16
N TRP A 277 -19.20 -5.25 3.17
CA TRP A 277 -18.88 -6.25 4.18
C TRP A 277 -20.14 -6.63 4.95
N LEU A 278 -20.93 -5.61 5.27
CA LEU A 278 -22.17 -5.79 6.03
C LEU A 278 -23.11 -6.77 5.33
N LYS A 279 -23.37 -6.53 4.05
CA LYS A 279 -24.30 -7.34 3.27
C LYS A 279 -23.74 -8.73 2.98
N ARG A 280 -22.43 -8.84 2.96
CA ARG A 280 -21.77 -10.14 2.76
C ARG A 280 -22.02 -11.06 3.95
N PHE A 281 -21.94 -10.49 5.15
CA PHE A 281 -22.13 -11.23 6.39
C PHE A 281 -23.60 -11.55 6.63
N LEU A 282 -24.48 -10.62 6.26
CA LEU A 282 -25.90 -10.81 6.45
C LEU A 282 -26.38 -12.03 5.68
N GLU A 283 -25.94 -12.14 4.43
CA GLU A 283 -26.26 -13.30 3.62
C GLU A 283 -25.71 -14.55 4.27
N TYR A 284 -24.58 -14.40 4.95
CA TYR A 284 -23.96 -15.51 5.68
C TYR A 284 -24.81 -15.93 6.87
N GLY A 285 -25.21 -14.95 7.68
CA GLY A 285 -25.99 -15.23 8.88
C GLY A 285 -27.48 -15.03 8.65
N LYS A 286 -27.94 -15.32 7.44
CA LYS A 286 -29.34 -15.16 7.09
C LYS A 286 -30.21 -16.00 8.00
N ASP A 287 -29.67 -17.13 8.44
CA ASP A 287 -30.39 -18.03 9.34
C ASP A 287 -30.70 -17.40 10.70
N ALA A 288 -29.65 -17.04 11.43
CA ALA A 288 -29.82 -16.59 12.81
C ALA A 288 -30.27 -15.14 12.93
N LEU A 289 -29.92 -14.31 11.95
CA LEU A 289 -30.18 -12.88 12.06
C LEU A 289 -31.60 -12.49 11.64
N GLN A 290 -32.20 -13.27 10.74
CA GLN A 290 -33.51 -12.92 10.20
C GLN A 290 -34.67 -13.65 10.89
N ARG A 291 -34.34 -14.49 11.87
CA ARG A 291 -35.35 -15.26 12.58
C ARG A 291 -36.16 -14.40 13.55
N THR A 292 -37.30 -14.92 14.00
CA THR A 292 -38.10 -14.24 15.01
C THR A 292 -38.68 -15.27 15.99
N GLU A 293 -38.22 -15.19 17.24
CA GLU A 293 -38.72 -16.07 18.30
C GLU A 293 -39.55 -15.30 19.34
N PRO A 294 -40.76 -15.79 19.62
CA PRO A 294 -41.73 -15.13 20.49
C PRO A 294 -41.37 -15.25 21.98
N PRO A 295 -41.69 -14.22 22.76
CA PRO A 295 -41.39 -14.20 24.19
C PRO A 295 -42.39 -15.03 24.99
N LYS A 296 -41.94 -15.57 26.11
CA LYS A 296 -42.81 -16.27 27.05
C LYS A 296 -42.93 -15.40 28.28
N VAL A 297 -44.13 -14.88 28.54
CA VAL A 297 -44.32 -13.92 29.62
C VAL A 297 -44.72 -14.55 30.96
N ARG A 298 -44.01 -14.20 32.01
CA ARG A 298 -44.32 -14.65 33.36
C ARG A 298 -44.56 -13.44 34.26
N VAL A 299 -45.52 -13.55 35.17
CA VAL A 299 -45.84 -12.45 36.07
C VAL A 299 -45.77 -12.92 37.52
N ASN A 300 -45.18 -12.10 38.39
CA ASN A 300 -45.04 -12.44 39.81
C ASN A 300 -45.14 -11.28 40.80
N HIS A 301 -45.40 -11.62 42.05
CA HIS A 301 -45.63 -10.63 43.11
C HIS A 301 -44.74 -10.89 44.31
N LYS A 302 -44.46 -9.84 45.08
CA LYS A 302 -43.63 -9.97 46.27
C LYS A 302 -44.10 -9.06 47.41
N THR A 309 -48.11 -4.24 46.99
CA THR A 309 -46.69 -3.91 46.86
C THR A 309 -46.20 -3.98 45.40
N THR A 310 -45.17 -4.78 45.17
CA THR A 310 -44.53 -4.82 43.85
C THR A 310 -45.02 -5.98 42.97
N LEU A 311 -45.13 -5.70 41.67
CA LEU A 311 -45.52 -6.70 40.69
C LEU A 311 -44.45 -6.81 39.62
N TYR A 312 -43.95 -8.02 39.40
CA TYR A 312 -42.91 -8.23 38.40
C TYR A 312 -43.48 -8.79 37.09
N CYS A 313 -42.88 -8.38 35.98
CA CYS A 313 -43.27 -8.90 34.68
C CYS A 313 -42.04 -9.31 33.88
N ARG A 314 -41.88 -10.61 33.65
CA ARG A 314 -40.73 -11.14 32.92
C ARG A 314 -41.11 -11.63 31.52
N ALA A 315 -40.18 -11.50 30.58
CA ALA A 315 -40.39 -12.00 29.22
C ALA A 315 -39.15 -12.74 28.78
N TYR A 316 -39.28 -14.04 28.52
CA TYR A 316 -38.13 -14.89 28.24
C TYR A 316 -37.93 -15.24 26.77
N GLY A 317 -36.66 -15.27 26.35
CA GLY A 317 -36.26 -15.83 25.07
C GLY A 317 -36.90 -15.25 23.81
N PHE A 318 -36.66 -13.96 23.56
CA PHE A 318 -37.23 -13.34 22.38
C PHE A 318 -36.16 -12.73 21.49
N TYR A 319 -36.37 -12.82 20.18
CA TYR A 319 -35.47 -12.25 19.19
C TYR A 319 -36.30 -11.70 18.05
N PRO A 320 -35.97 -10.51 17.53
CA PRO A 320 -34.86 -9.60 17.84
C PRO A 320 -35.02 -8.85 19.16
N PRO A 321 -33.91 -8.27 19.68
CA PRO A 321 -33.90 -7.52 20.93
C PRO A 321 -34.89 -6.35 20.99
N GLU A 322 -35.38 -5.90 19.84
CA GLU A 322 -36.35 -4.81 19.80
C GLU A 322 -37.68 -5.25 20.42
N ILE A 323 -38.07 -4.58 21.50
CA ILE A 323 -39.20 -5.02 22.30
C ILE A 323 -39.74 -3.86 23.13
N SER A 324 -40.99 -3.96 23.56
CA SER A 324 -41.58 -2.92 24.40
C SER A 324 -42.50 -3.50 25.48
N ILE A 325 -42.20 -3.19 26.74
CA ILE A 325 -42.99 -3.67 27.85
C ILE A 325 -43.40 -2.53 28.77
N ASN A 326 -44.66 -2.50 29.17
CA ASN A 326 -45.14 -1.52 30.13
C ASN A 326 -46.32 -2.05 30.95
N TRP A 327 -46.44 -1.61 32.20
CA TRP A 327 -47.56 -2.01 33.05
C TRP A 327 -48.78 -1.13 32.81
N MET A 328 -49.96 -1.76 32.91
CA MET A 328 -51.21 -1.09 32.60
C MET A 328 -52.15 -1.07 33.81
N LYS A 329 -52.87 0.04 33.96
CA LYS A 329 -53.94 0.13 34.95
C LYS A 329 -55.21 0.72 34.37
N ASN A 330 -56.19 -0.14 34.13
CA ASN A 330 -57.54 0.25 33.71
C ASN A 330 -57.68 1.27 32.57
N GLY A 331 -57.07 1.07 31.40
CA GLY A 331 -56.07 0.04 31.16
C GLY A 331 -54.82 0.79 30.75
N GLU A 332 -54.64 1.97 31.36
CA GLU A 332 -53.60 2.91 30.97
C GLU A 332 -52.20 2.54 31.45
N GLU A 333 -51.20 3.00 30.71
CA GLU A 333 -49.81 2.78 31.06
C GLU A 333 -49.41 3.62 32.27
N ILE A 334 -48.80 2.98 33.27
CA ILE A 334 -48.37 3.67 34.48
C ILE A 334 -46.96 4.23 34.28
N PHE A 335 -46.81 5.52 34.56
CA PHE A 335 -45.51 6.18 34.39
C PHE A 335 -44.79 6.33 35.72
N GLN A 336 -45.49 6.02 36.81
CA GLN A 336 -44.94 6.23 38.14
C GLN A 336 -44.62 4.92 38.85
N ASP A 337 -43.53 4.94 39.61
CA ASP A 337 -43.05 3.77 40.35
C ASP A 337 -42.82 2.59 39.42
N THR A 338 -42.04 2.83 38.36
CA THR A 338 -41.77 1.81 37.36
C THR A 338 -40.28 1.62 37.15
N ASP A 339 -39.87 0.37 36.89
CA ASP A 339 -38.48 0.05 36.59
C ASP A 339 -38.37 -0.43 35.14
N TYR A 340 -37.34 0.04 34.45
CA TYR A 340 -37.14 -0.30 33.05
C TYR A 340 -36.66 -1.73 32.85
N GLY A 341 -35.61 -2.11 33.58
CA GLY A 341 -35.05 -3.44 33.49
C GLY A 341 -34.05 -3.65 32.36
N GLY A 342 -34.22 -2.91 31.27
CA GLY A 342 -33.31 -2.97 30.13
C GLY A 342 -33.41 -4.27 29.35
N ILE A 343 -32.56 -4.43 28.33
CA ILE A 343 -32.55 -5.65 27.52
C ILE A 343 -31.36 -6.52 27.89
N LEU A 344 -31.65 -7.74 28.34
CA LEU A 344 -30.61 -8.64 28.82
C LEU A 344 -30.44 -9.85 27.90
N PRO A 345 -29.20 -10.33 27.75
CA PRO A 345 -28.91 -11.56 27.01
C PRO A 345 -29.34 -12.80 27.78
N SER A 346 -29.97 -13.74 27.09
CA SER A 346 -30.44 -14.97 27.71
C SER A 346 -29.30 -15.98 27.80
N GLY A 347 -28.47 -16.02 26.76
CA GLY A 347 -27.39 -16.99 26.70
C GLY A 347 -27.63 -17.99 25.59
N ASP A 348 -28.85 -18.01 25.07
CA ASP A 348 -29.21 -18.89 23.97
C ASP A 348 -28.94 -18.20 22.65
N GLY A 349 -28.68 -16.90 22.74
CA GLY A 349 -28.66 -16.03 21.59
C GLY A 349 -29.96 -15.25 21.58
N THR A 350 -30.83 -15.59 22.52
CA THR A 350 -32.10 -14.90 22.72
C THR A 350 -31.94 -13.85 23.80
N TYR A 351 -33.04 -13.19 24.15
CA TYR A 351 -32.97 -12.11 25.12
C TYR A 351 -34.16 -12.12 26.08
N GLN A 352 -34.03 -11.46 27.22
CA GLN A 352 -35.11 -11.34 28.17
C GLN A 352 -35.11 -9.99 28.90
N THR A 353 -36.28 -9.47 29.23
CA THR A 353 -36.36 -8.21 29.99
C THR A 353 -37.41 -8.30 31.10
N TRP A 354 -37.58 -7.20 31.83
CA TRP A 354 -38.56 -7.18 32.91
C TRP A 354 -39.01 -5.77 33.28
N VAL A 355 -40.26 -5.63 33.72
CA VAL A 355 -40.78 -4.34 34.17
C VAL A 355 -41.58 -4.52 35.45
N SER A 356 -41.27 -3.71 36.46
CA SER A 356 -41.94 -3.82 37.76
C SER A 356 -42.69 -2.55 38.14
N VAL A 357 -43.72 -2.70 38.95
CA VAL A 357 -44.52 -1.58 39.45
C VAL A 357 -44.90 -1.78 40.91
N GLU A 358 -44.65 -0.76 41.73
CA GLU A 358 -45.07 -0.76 43.12
C GLU A 358 -46.48 -0.17 43.25
N LEU A 359 -47.30 -0.77 44.12
CA LEU A 359 -48.68 -0.35 44.30
C LEU A 359 -48.94 0.23 45.68
N GLN A 362 -56.89 2.25 45.19
CA GLN A 362 -58.31 1.93 45.06
C GLN A 362 -58.53 0.43 44.87
N ASN A 363 -59.78 0.00 44.96
CA ASN A 363 -60.13 -1.41 44.84
C ASN A 363 -60.84 -1.71 43.52
N GLY A 364 -60.63 -2.92 43.00
CA GLY A 364 -61.23 -3.33 41.74
C GLY A 364 -60.45 -2.89 40.51
N ASP A 365 -59.20 -2.50 40.73
CA ASP A 365 -58.35 -2.05 39.63
C ASP A 365 -57.62 -3.21 38.99
N ILE A 366 -57.51 -3.17 37.66
CA ILE A 366 -56.88 -4.23 36.90
C ILE A 366 -55.45 -3.88 36.48
N TYR A 367 -54.49 -4.62 37.00
CA TYR A 367 -53.10 -4.46 36.58
C TYR A 367 -52.70 -5.57 35.62
N SER A 368 -52.28 -5.17 34.42
CA SER A 368 -51.95 -6.11 33.37
C SER A 368 -50.66 -5.72 32.63
N CYS A 369 -50.00 -6.72 32.05
CA CYS A 369 -48.69 -6.52 31.43
C CYS A 369 -48.75 -6.53 29.90
N HIS A 370 -48.41 -5.40 29.30
CA HIS A 370 -48.42 -5.27 27.84
C HIS A 370 -47.05 -5.52 27.21
N VAL A 371 -47.02 -6.40 26.23
CA VAL A 371 -45.76 -6.72 25.54
C VAL A 371 -45.97 -6.73 24.03
N GLU A 372 -45.16 -5.93 23.34
CA GLU A 372 -45.18 -5.92 21.87
C GLU A 372 -43.85 -6.38 21.29
N HIS A 373 -43.87 -7.52 20.59
CA HIS A 373 -42.64 -8.08 20.04
C HIS A 373 -42.63 -8.06 18.51
N GLY A 374 -43.38 -8.97 17.90
CA GLY A 374 -43.59 -8.94 16.47
C GLY A 374 -44.64 -7.89 16.17
N GLY A 375 -45.29 -7.42 17.23
CA GLY A 375 -46.36 -6.45 17.14
C GLY A 375 -47.51 -6.86 16.25
N VAL A 376 -48.34 -7.85 16.63
CA VAL A 376 -48.26 -8.69 17.85
C VAL A 376 -48.18 -7.99 19.21
N HIS A 377 -49.30 -7.43 19.65
CA HIS A 377 -49.41 -6.87 20.99
C HIS A 377 -49.91 -7.96 21.93
N MET A 378 -49.13 -8.25 22.96
CA MET A 378 -49.54 -9.26 23.92
C MET A 378 -49.86 -8.63 25.28
N VAL A 379 -50.92 -9.11 25.91
CA VAL A 379 -51.29 -8.64 27.23
C VAL A 379 -51.53 -9.81 28.17
N LEU A 380 -51.01 -9.71 29.39
CA LEU A 380 -51.30 -10.67 30.43
C LEU A 380 -51.89 -9.95 31.63
N GLN A 381 -53.00 -10.45 32.15
CA GLN A 381 -53.66 -9.86 33.32
C GLN A 381 -53.07 -10.37 34.63
N GLY A 382 -52.37 -9.48 35.34
CA GLY A 382 -51.68 -9.84 36.56
C GLY A 382 -52.54 -9.85 37.81
N PHE A 383 -53.24 -8.75 38.08
CA PHE A 383 -53.91 -8.60 39.36
C PHE A 383 -55.21 -7.80 39.35
N GLN A 384 -56.10 -8.12 40.30
CA GLN A 384 -57.32 -7.35 40.58
C GLN A 384 -57.92 -7.79 41.91
N GLU A 385 -58.77 -6.94 42.50
CA GLU A 385 -59.41 -7.25 43.78
C GLU A 385 -60.35 -8.45 43.67
N ASN B 5 -7.27 -8.43 -11.72
CA ASN B 5 -6.62 -8.04 -12.96
C ASN B 5 -6.53 -6.52 -13.13
N ILE B 6 -5.44 -6.06 -13.75
CA ILE B 6 -5.25 -4.65 -14.02
C ILE B 6 -4.55 -4.41 -15.36
N ASP B 7 -5.06 -3.45 -16.13
CA ASP B 7 -4.56 -3.18 -17.48
C ASP B 7 -4.22 -1.70 -17.72
N GLN B 8 -3.03 -1.47 -18.27
CA GLN B 8 -2.61 -0.14 -18.71
C GLN B 8 -1.70 -0.30 -19.93
N PRO B 9 -1.67 0.72 -20.81
CA PRO B 9 -0.84 0.68 -22.02
C PRO B 9 0.59 0.25 -21.72
N THR B 10 1.20 -0.47 -22.65
CA THR B 10 2.57 -0.91 -22.47
C THR B 10 3.55 0.24 -22.67
N GLU B 11 3.28 1.04 -23.70
CA GLU B 11 4.20 2.10 -24.09
C GLU B 11 3.45 3.28 -24.72
N MET B 12 3.94 4.48 -24.48
CA MET B 12 3.41 5.67 -25.14
C MET B 12 4.57 6.57 -25.54
N THR B 13 4.32 7.51 -26.45
CA THR B 13 5.37 8.40 -26.93
C THR B 13 4.82 9.79 -27.26
N ALA B 14 5.44 10.83 -26.69
CA ALA B 14 5.02 12.20 -26.94
C ALA B 14 6.20 13.16 -27.07
N THR B 15 5.92 14.36 -27.54
CA THR B 15 6.96 15.37 -27.74
C THR B 15 7.03 16.31 -26.55
N GLU B 16 8.24 16.79 -26.26
CA GLU B 16 8.49 17.67 -25.12
C GLU B 16 7.64 18.94 -25.18
N GLY B 17 6.96 19.23 -24.08
CA GLY B 17 6.10 20.40 -24.01
C GLY B 17 4.63 20.07 -24.23
N ALA B 18 4.35 18.85 -24.69
CA ALA B 18 2.98 18.43 -24.95
C ALA B 18 2.25 17.95 -23.70
N ILE B 19 1.06 17.41 -23.88
CA ILE B 19 0.24 16.93 -22.78
C ILE B 19 -0.20 15.50 -23.07
N VAL B 20 0.06 14.60 -22.12
CA VAL B 20 -0.27 13.19 -22.32
C VAL B 20 -1.21 12.68 -21.23
N GLN B 21 -1.88 11.56 -21.51
CA GLN B 21 -2.83 10.96 -20.60
C GLN B 21 -2.71 9.43 -20.61
N ILE B 22 -2.41 8.86 -19.44
CA ILE B 22 -2.22 7.42 -19.32
C ILE B 22 -3.38 6.74 -18.59
N ASN B 23 -4.12 5.91 -19.30
CA ASN B 23 -5.29 5.24 -18.75
C ASN B 23 -5.00 3.97 -17.96
N CYS B 24 -5.82 3.68 -16.97
CA CYS B 24 -5.66 2.47 -16.17
C CYS B 24 -7.01 1.85 -15.83
N THR B 25 -7.20 0.59 -16.21
CA THR B 25 -8.44 -0.12 -15.91
C THR B 25 -8.17 -1.32 -15.01
N TYR B 26 -8.95 -1.43 -13.94
CA TYR B 26 -8.70 -2.45 -12.93
C TYR B 26 -9.98 -3.14 -12.49
N GLN B 27 -9.88 -4.44 -12.22
CA GLN B 27 -10.95 -5.18 -11.58
C GLN B 27 -10.44 -5.92 -10.35
N THR B 28 -10.90 -5.49 -9.19
CA THR B 28 -10.52 -6.09 -7.93
C THR B 28 -11.78 -6.43 -7.14
N SER B 29 -11.63 -7.12 -6.02
CA SER B 29 -12.77 -7.47 -5.17
C SER B 29 -13.42 -6.22 -4.60
N GLY B 30 -12.66 -5.47 -3.80
CA GLY B 30 -13.12 -4.21 -3.27
C GLY B 30 -12.27 -3.08 -3.81
N PHE B 31 -12.44 -1.89 -3.24
CA PHE B 31 -11.58 -0.76 -3.62
C PHE B 31 -11.21 0.07 -2.40
N ASN B 32 -9.91 0.11 -2.09
CA ASN B 32 -9.42 0.87 -0.94
C ASN B 32 -8.54 2.04 -1.35
N GLY B 33 -8.42 2.27 -2.65
CA GLY B 33 -7.63 3.39 -3.16
C GLY B 33 -6.87 3.03 -4.42
N LEU B 34 -6.32 4.04 -5.08
CA LEU B 34 -5.49 3.81 -6.25
C LEU B 34 -4.27 4.72 -6.24
N PHE B 35 -3.11 4.13 -6.48
CA PHE B 35 -1.86 4.85 -6.42
C PHE B 35 -1.22 4.98 -7.79
N TRP B 36 -0.66 6.15 -8.08
CA TRP B 36 0.18 6.33 -9.25
C TRP B 36 1.64 6.53 -8.83
N TYR B 37 2.54 5.78 -9.46
CA TYR B 37 3.96 5.78 -9.11
C TYR B 37 4.82 6.05 -10.33
N GLN B 38 5.92 6.78 -10.14
CA GLN B 38 6.84 7.06 -11.22
C GLN B 38 8.14 6.28 -11.00
N GLN B 39 8.50 5.44 -11.96
CA GLN B 39 9.74 4.69 -11.85
C GLN B 39 10.64 4.90 -13.06
N HIS B 40 11.74 5.64 -12.85
CA HIS B 40 12.68 5.90 -13.92
C HIS B 40 13.42 4.62 -14.27
N ALA B 41 14.14 4.66 -15.40
CA ALA B 41 14.88 3.49 -15.85
C ALA B 41 15.97 3.14 -14.84
N GLY B 42 15.98 1.89 -14.41
CA GLY B 42 16.98 1.42 -13.47
C GLY B 42 16.91 2.12 -12.12
N GLU B 43 15.71 2.46 -11.69
CA GLU B 43 15.56 3.12 -10.40
C GLU B 43 14.37 2.61 -9.61
N ALA B 44 14.26 3.08 -8.38
CA ALA B 44 13.15 2.73 -7.51
C ALA B 44 11.91 3.56 -7.85
N PRO B 45 10.72 2.93 -7.73
CA PRO B 45 9.44 3.62 -7.95
C PRO B 45 9.18 4.65 -6.87
N THR B 46 8.69 5.82 -7.28
CA THR B 46 8.36 6.87 -6.32
C THR B 46 6.88 7.24 -6.44
N PHE B 47 6.31 7.67 -5.33
CA PHE B 47 4.90 8.03 -5.27
C PHE B 47 4.61 9.29 -6.09
N LEU B 48 3.46 9.28 -6.75
CA LEU B 48 2.98 10.46 -7.49
C LEU B 48 1.66 10.96 -6.93
N SER B 49 0.60 10.19 -7.15
CA SER B 49 -0.72 10.58 -6.70
C SER B 49 -1.46 9.44 -6.00
N TYR B 50 -2.52 9.80 -5.27
CA TYR B 50 -3.39 8.84 -4.63
C TYR B 50 -4.84 9.29 -4.67
N ASN B 51 -5.73 8.40 -5.06
CA ASN B 51 -7.14 8.75 -5.19
C ASN B 51 -8.06 7.71 -4.57
N VAL B 52 -9.13 8.17 -3.93
CA VAL B 52 -10.13 7.28 -3.36
C VAL B 52 -11.53 7.65 -3.82
N LEU B 53 -11.97 8.86 -3.49
CA LEU B 53 -13.27 9.34 -3.93
C LEU B 53 -13.27 9.58 -5.43
N ASP B 54 -14.46 9.55 -6.03
CA ASP B 54 -14.58 9.86 -7.45
C ASP B 54 -14.30 11.35 -7.67
N GLY B 55 -13.41 11.65 -8.62
CA GLY B 55 -13.07 13.02 -8.91
C GLY B 55 -11.67 13.20 -9.44
N LEU B 56 -11.17 14.43 -9.33
CA LEU B 56 -9.84 14.78 -9.85
C LEU B 56 -8.93 15.19 -8.71
N GLU B 57 -7.62 15.06 -8.93
CA GLU B 57 -6.64 15.49 -7.96
C GLU B 57 -5.50 16.18 -8.69
N GLU B 58 -5.31 17.45 -8.43
CA GLU B 58 -4.26 18.20 -9.10
C GLU B 58 -3.09 18.50 -8.17
N LYS B 59 -1.89 18.21 -8.65
CA LYS B 59 -0.67 18.62 -7.96
C LYS B 59 0.33 19.08 -9.01
N GLY B 60 0.56 20.38 -9.07
CA GLY B 60 1.48 20.96 -10.04
C GLY B 60 1.04 20.68 -11.46
N ARG B 61 1.98 20.27 -12.30
CA ARG B 61 1.70 19.97 -13.69
C ARG B 61 0.95 18.64 -13.82
N PHE B 62 0.93 17.88 -12.74
CA PHE B 62 0.37 16.54 -12.75
C PHE B 62 -1.06 16.50 -12.17
N SER B 63 -1.92 15.69 -12.76
CA SER B 63 -3.30 15.56 -12.30
C SER B 63 -3.84 14.13 -12.48
N SER B 64 -4.60 13.68 -11.48
CA SER B 64 -5.07 12.30 -11.47
C SER B 64 -6.59 12.21 -11.29
N PHE B 65 -7.23 11.40 -12.13
CA PHE B 65 -8.67 11.25 -12.10
C PHE B 65 -9.06 9.78 -11.86
N LEU B 66 -10.19 9.58 -11.20
CA LEU B 66 -10.66 8.25 -10.81
C LEU B 66 -12.18 8.10 -10.85
N SER B 67 -12.64 7.01 -11.46
CA SER B 67 -14.05 6.64 -11.43
C SER B 67 -14.21 5.22 -10.88
N ARG B 68 -14.70 5.12 -9.64
CA ARG B 68 -14.80 3.84 -8.96
C ARG B 68 -15.76 2.86 -9.64
N SER B 69 -16.89 3.39 -10.10
CA SER B 69 -17.91 2.57 -10.74
C SER B 69 -17.36 1.89 -11.99
N LYS B 70 -16.65 2.68 -12.79
CA LYS B 70 -16.11 2.17 -14.06
C LYS B 70 -14.83 1.39 -13.85
N GLY B 71 -14.17 1.62 -12.72
CA GLY B 71 -12.89 1.00 -12.45
C GLY B 71 -11.83 1.61 -13.34
N TYR B 72 -11.98 2.89 -13.62
CA TYR B 72 -11.12 3.59 -14.55
C TYR B 72 -10.35 4.70 -13.86
N SER B 73 -9.13 4.94 -14.32
CA SER B 73 -8.31 6.03 -13.80
C SER B 73 -7.30 6.45 -14.85
N TYR B 74 -7.17 7.75 -15.06
CA TYR B 74 -6.13 8.24 -15.95
C TYR B 74 -5.19 9.21 -15.24
N LEU B 75 -3.99 9.35 -15.81
CA LEU B 75 -2.97 10.21 -15.23
C LEU B 75 -2.63 11.30 -16.25
N LEU B 76 -2.94 12.55 -15.91
CA LEU B 76 -2.80 13.67 -16.86
C LEU B 76 -1.53 14.50 -16.66
N LEU B 77 -0.58 14.34 -17.58
CA LEU B 77 0.71 15.00 -17.48
C LEU B 77 0.76 16.17 -18.45
N LYS B 78 0.82 17.38 -17.91
CA LYS B 78 0.85 18.59 -18.72
C LYS B 78 2.26 19.18 -18.77
N GLU B 79 2.56 19.90 -19.84
CA GLU B 79 3.86 20.56 -20.03
C GLU B 79 5.03 19.59 -19.89
N LEU B 80 5.00 18.51 -20.67
CA LEU B 80 5.99 17.45 -20.58
C LEU B 80 7.42 17.93 -20.72
N GLN B 81 8.27 17.51 -19.79
CA GLN B 81 9.69 17.79 -19.87
C GLN B 81 10.46 16.50 -20.15
N MET B 82 11.77 16.63 -20.35
CA MET B 82 12.60 15.48 -20.66
C MET B 82 12.75 14.54 -19.47
N LYS B 83 12.61 15.09 -18.27
CA LYS B 83 12.75 14.29 -17.06
C LYS B 83 11.49 13.48 -16.77
N ASP B 84 10.44 13.74 -17.55
CA ASP B 84 9.18 13.03 -17.37
C ASP B 84 9.18 11.65 -18.01
N SER B 85 10.22 11.35 -18.78
CA SER B 85 10.29 10.06 -19.45
C SER B 85 10.62 8.91 -18.49
N ALA B 86 9.60 8.13 -18.16
CA ALA B 86 9.74 7.03 -17.22
C ALA B 86 8.55 6.09 -17.36
N SER B 87 8.51 5.07 -16.50
CA SER B 87 7.35 4.21 -16.42
C SER B 87 6.40 4.77 -15.37
N TYR B 88 5.10 4.74 -15.67
CA TYR B 88 4.12 5.19 -14.71
C TYR B 88 3.22 4.05 -14.27
N LEU B 89 3.42 3.60 -13.03
CA LEU B 89 2.72 2.43 -12.51
C LEU B 89 1.40 2.75 -11.81
N CYS B 90 0.35 2.08 -12.27
CA CYS B 90 -0.95 2.14 -11.62
C CYS B 90 -1.17 0.91 -10.76
N ALA B 91 -1.66 1.11 -9.55
CA ALA B 91 -2.00 0.00 -8.67
C ALA B 91 -3.06 0.42 -7.65
N PRO B 92 -4.17 -0.33 -7.60
CA PRO B 92 -5.26 -0.07 -6.65
C PRO B 92 -5.06 -0.86 -5.37
N LEU B 93 -5.85 -0.55 -4.33
CA LEU B 93 -5.63 -1.12 -3.01
C LEU B 93 -6.55 -2.29 -2.61
N ASP B 94 -7.25 -2.86 -3.58
CA ASP B 94 -8.03 -4.09 -3.35
C ASP B 94 -9.12 -3.92 -2.28
N SER B 95 -9.48 -5.01 -1.60
CA SER B 95 -10.49 -5.01 -0.54
C SER B 95 -9.83 -5.29 0.78
N ASN B 96 -9.18 -6.45 0.85
CA ASN B 96 -8.14 -6.66 1.83
C ASN B 96 -7.03 -5.73 1.38
N TYR B 97 -6.16 -5.37 2.30
CA TYR B 97 -5.26 -4.26 2.04
C TYR B 97 -4.00 -4.61 1.24
N GLN B 98 -3.99 -5.79 0.63
CA GLN B 98 -2.93 -6.15 -0.30
C GLN B 98 -2.98 -5.23 -1.51
N LEU B 99 -1.82 -5.01 -2.11
CA LEU B 99 -1.67 -4.04 -3.19
C LEU B 99 -1.32 -4.78 -4.47
N ILE B 100 -2.09 -4.55 -5.53
CA ILE B 100 -1.87 -5.26 -6.80
C ILE B 100 -1.20 -4.40 -7.86
N TRP B 101 0.06 -4.74 -8.16
CA TRP B 101 0.88 -3.96 -9.08
C TRP B 101 0.72 -4.39 -10.54
N GLY B 102 0.36 -3.44 -11.40
CA GLY B 102 0.32 -3.67 -12.82
C GLY B 102 1.58 -3.15 -13.49
N ALA B 103 1.99 -3.80 -14.57
CA ALA B 103 3.18 -3.36 -15.32
C ALA B 103 2.93 -1.98 -15.95
N GLY B 104 3.78 -1.03 -15.61
CA GLY B 104 3.54 0.37 -15.93
C GLY B 104 3.48 0.72 -17.40
N THR B 105 3.10 1.96 -17.66
CA THR B 105 3.13 2.52 -19.01
C THR B 105 4.43 3.27 -19.20
N LYS B 106 5.27 2.79 -20.11
CA LYS B 106 6.54 3.44 -20.37
C LYS B 106 6.35 4.65 -21.28
N LEU B 107 6.69 5.83 -20.76
CA LEU B 107 6.55 7.05 -21.53
C LEU B 107 7.91 7.51 -22.03
N ILE B 108 8.00 7.80 -23.33
CA ILE B 108 9.23 8.26 -23.94
C ILE B 108 9.02 9.67 -24.45
N ILE B 109 9.76 10.62 -23.89
CA ILE B 109 9.62 12.02 -24.27
C ILE B 109 10.59 12.42 -25.37
N LYS B 110 10.06 12.75 -26.55
CA LYS B 110 10.89 13.22 -27.66
C LYS B 110 11.18 14.71 -27.51
N PRO B 111 12.45 15.10 -27.72
CA PRO B 111 12.82 16.51 -27.55
C PRO B 111 12.18 17.37 -28.62
N ASN B 112 11.96 18.64 -28.30
CA ASN B 112 11.38 19.56 -29.27
C ASN B 112 12.48 20.27 -30.04
N ILE B 113 12.55 19.99 -31.33
CA ILE B 113 13.53 20.66 -32.19
C ILE B 113 12.86 21.73 -33.03
N GLN B 114 13.25 22.98 -32.82
CA GLN B 114 12.66 24.10 -33.55
C GLN B 114 13.24 24.22 -34.96
N ASN B 115 14.55 24.08 -35.08
CA ASN B 115 15.20 24.18 -36.38
C ASN B 115 15.96 22.91 -36.73
N PRO B 116 15.25 21.88 -37.21
CA PRO B 116 15.83 20.58 -37.52
C PRO B 116 16.78 20.65 -38.71
N ASP B 117 17.89 19.92 -38.63
CA ASP B 117 18.85 19.86 -39.73
C ASP B 117 19.42 18.45 -39.85
N PRO B 118 18.57 17.48 -40.23
CA PRO B 118 18.99 16.07 -40.26
C PRO B 118 20.12 15.81 -41.24
N ALA B 119 21.04 14.93 -40.85
CA ALA B 119 22.18 14.53 -41.69
C ALA B 119 22.88 13.34 -41.08
N VAL B 120 23.61 12.59 -41.91
CA VAL B 120 24.44 11.49 -41.43
C VAL B 120 25.92 11.80 -41.65
N TYR B 121 26.71 11.67 -40.59
CA TYR B 121 28.14 11.98 -40.66
C TYR B 121 29.00 10.74 -40.47
N GLN B 122 30.24 10.81 -40.93
CA GLN B 122 31.18 9.71 -40.81
C GLN B 122 32.29 10.05 -39.82
N LEU B 123 32.35 9.32 -38.72
CA LEU B 123 33.28 9.64 -37.65
C LEU B 123 34.69 9.09 -37.86
N ARG B 124 35.66 9.72 -37.21
CA ARG B 124 37.06 9.34 -37.35
C ARG B 124 37.45 8.35 -36.26
N ASP B 125 38.75 8.13 -36.07
CA ASP B 125 39.23 7.29 -34.97
C ASP B 125 38.71 5.85 -35.27
N SER B 126 38.68 4.87 -34.34
CA SER B 126 39.03 4.94 -32.93
C SER B 126 40.51 4.83 -32.64
N LYS B 127 41.18 3.93 -33.37
CA LYS B 127 42.57 3.56 -33.12
C LYS B 127 42.74 2.79 -31.80
N SER B 128 41.70 2.82 -30.97
CA SER B 128 41.63 1.97 -29.78
C SER B 128 40.61 0.88 -30.08
N SER B 129 40.04 0.93 -31.28
CA SER B 129 39.05 -0.04 -31.71
C SER B 129 39.14 -0.29 -33.22
N ASP B 130 38.59 -1.41 -33.66
CA ASP B 130 38.68 -1.82 -35.06
C ASP B 130 37.37 -1.59 -35.81
N LYS B 131 36.36 -1.10 -35.11
CA LYS B 131 35.03 -0.88 -35.69
C LYS B 131 34.83 0.59 -36.08
N SER B 132 34.04 0.82 -37.12
CA SER B 132 33.75 2.18 -37.58
C SER B 132 32.31 2.53 -37.28
N VAL B 133 32.04 3.83 -37.06
CA VAL B 133 30.71 4.27 -36.66
C VAL B 133 30.14 5.40 -37.52
N CYS B 134 28.82 5.54 -37.49
CA CYS B 134 28.12 6.59 -38.23
C CYS B 134 27.13 7.34 -37.33
N LEU B 135 27.05 8.65 -37.52
CA LEU B 135 26.18 9.48 -36.68
C LEU B 135 25.04 10.14 -37.46
N PHE B 136 23.81 9.80 -37.10
CA PHE B 136 22.61 10.44 -37.64
C PHE B 136 22.09 11.38 -36.56
N THR B 137 22.07 12.67 -36.85
CA THR B 137 21.71 13.65 -35.83
C THR B 137 20.81 14.75 -36.35
N ASP B 138 20.28 15.55 -35.43
CA ASP B 138 19.50 16.73 -35.74
C ASP B 138 18.19 16.48 -36.51
N PHE B 139 17.60 15.30 -36.32
CA PHE B 139 16.33 14.99 -36.96
C PHE B 139 15.15 15.21 -36.03
N ASP B 140 14.03 15.68 -36.57
CA ASP B 140 12.85 15.99 -35.78
C ASP B 140 12.14 14.72 -35.28
N SER B 141 11.03 14.90 -34.57
CA SER B 141 10.28 13.79 -34.01
C SER B 141 9.46 13.06 -35.07
N GLN B 142 9.33 13.67 -36.24
CA GLN B 142 8.60 13.06 -37.35
C GLN B 142 9.45 12.04 -38.09
N THR B 143 10.71 11.90 -37.67
CA THR B 143 11.63 10.95 -38.29
C THR B 143 11.71 9.66 -37.49
N ASN B 144 11.62 8.54 -38.20
CA ASN B 144 11.70 7.22 -37.58
C ASN B 144 12.97 6.50 -37.99
N VAL B 145 13.66 5.92 -37.01
CA VAL B 145 14.83 5.11 -37.29
C VAL B 145 14.75 3.78 -36.55
N SER B 146 14.72 2.68 -37.31
CA SER B 146 14.54 1.36 -36.73
C SER B 146 15.81 0.50 -36.89
N GLN B 147 15.71 -0.76 -36.45
CA GLN B 147 16.84 -1.68 -36.50
C GLN B 147 17.27 -2.00 -37.93
N SER B 148 18.48 -2.53 -38.08
CA SER B 148 19.03 -2.84 -39.39
C SER B 148 18.76 -4.28 -39.78
N LYS B 149 18.52 -4.51 -41.07
CA LYS B 149 18.28 -5.86 -41.58
C LYS B 149 19.57 -6.68 -41.53
N ASP B 150 20.69 -6.01 -41.35
CA ASP B 150 21.99 -6.67 -41.25
C ASP B 150 22.23 -7.13 -39.81
N SER B 151 22.73 -8.34 -39.65
CA SER B 151 23.02 -8.90 -38.35
C SER B 151 24.34 -8.39 -37.79
N ASP B 152 25.31 -8.18 -38.68
CA ASP B 152 26.64 -7.74 -38.29
C ASP B 152 26.70 -6.24 -38.02
N VAL B 153 25.64 -5.52 -38.39
CA VAL B 153 25.56 -4.08 -38.19
C VAL B 153 24.59 -3.70 -37.08
N TYR B 154 25.08 -3.00 -36.06
CA TYR B 154 24.24 -2.63 -34.92
C TYR B 154 23.82 -1.16 -35.00
N ILE B 155 22.55 -0.89 -34.69
CA ILE B 155 22.04 0.47 -34.67
C ILE B 155 21.26 0.72 -33.39
N THR B 156 21.55 1.84 -32.73
CA THR B 156 20.83 2.22 -31.52
C THR B 156 20.32 3.66 -31.56
N ASP B 157 19.01 3.82 -31.63
CA ASP B 157 18.40 5.12 -31.42
C ASP B 157 17.92 5.16 -29.99
N LYS B 158 17.01 6.08 -29.69
CA LYS B 158 16.40 6.16 -28.36
C LYS B 158 17.39 6.44 -27.23
N CYS B 159 18.45 7.18 -27.51
CA CYS B 159 19.37 7.57 -26.46
C CYS B 159 18.70 8.57 -25.51
N VAL B 160 18.83 8.32 -24.20
CA VAL B 160 18.21 9.17 -23.20
C VAL B 160 19.16 10.28 -22.74
N LEU B 161 18.72 11.54 -22.91
CA LEU B 161 19.52 12.68 -22.51
C LEU B 161 19.70 12.72 -20.99
N ASP B 162 20.70 13.45 -20.54
CA ASP B 162 20.95 13.65 -19.11
C ASP B 162 20.09 14.80 -18.56
N MET B 163 20.17 15.03 -17.26
CA MET B 163 19.42 16.10 -16.60
C MET B 163 20.26 17.35 -16.40
N MET B 166 20.01 23.61 -18.74
CA MET B 166 20.39 23.73 -20.15
C MET B 166 20.98 22.44 -20.73
N ASP B 167 21.13 22.42 -22.06
CA ASP B 167 21.72 21.30 -22.77
C ASP B 167 21.96 21.61 -24.25
N PHE B 168 22.68 20.71 -24.92
CA PHE B 168 22.86 20.77 -26.37
C PHE B 168 21.90 19.79 -27.01
N LYS B 169 20.84 19.46 -26.28
CA LYS B 169 19.97 18.33 -26.59
C LYS B 169 19.37 18.29 -28.00
N SER B 170 19.59 17.17 -28.68
CA SER B 170 19.01 16.89 -29.98
C SER B 170 18.93 15.39 -30.11
N ASN B 171 18.00 14.90 -30.93
CA ASN B 171 17.89 13.47 -31.19
C ASN B 171 19.12 12.99 -31.96
N SER B 172 19.50 11.73 -31.76
CA SER B 172 20.66 11.16 -32.44
C SER B 172 20.59 9.64 -32.45
N ALA B 173 21.33 9.03 -33.38
CA ALA B 173 21.31 7.59 -33.54
C ALA B 173 22.66 7.09 -34.04
N VAL B 174 23.14 6.01 -33.44
CA VAL B 174 24.48 5.52 -33.75
C VAL B 174 24.48 4.15 -34.42
N ALA B 175 25.24 4.03 -35.51
CA ALA B 175 25.39 2.78 -36.22
C ALA B 175 26.87 2.43 -36.27
N TRP B 176 27.20 1.15 -36.12
CA TRP B 176 28.58 0.69 -36.19
C TRP B 176 28.66 -0.78 -36.58
N SER B 177 29.81 -1.19 -37.07
CA SER B 177 30.07 -2.59 -37.40
C SER B 177 31.54 -2.86 -37.70
N ASN B 178 31.86 -4.14 -37.89
CA ASN B 178 33.20 -4.58 -38.24
C ASN B 178 33.35 -4.75 -39.74
N LYS B 179 32.25 -5.07 -40.41
CA LYS B 179 32.24 -5.41 -41.84
C LYS B 179 32.84 -4.34 -42.76
N SER B 180 33.48 -4.81 -43.83
CA SER B 180 34.12 -3.93 -44.81
C SER B 180 33.09 -3.29 -45.75
N ASP B 181 31.93 -3.91 -45.87
CA ASP B 181 30.88 -3.38 -46.74
C ASP B 181 30.14 -2.21 -46.09
N PHE B 182 30.48 -1.94 -44.82
CA PHE B 182 29.84 -0.87 -44.07
C PHE B 182 30.28 0.51 -44.53
N ALA B 183 29.31 1.36 -44.81
CA ALA B 183 29.55 2.76 -45.15
C ALA B 183 28.40 3.59 -44.63
N CYS B 184 28.64 4.88 -44.41
CA CYS B 184 27.61 5.75 -43.85
C CYS B 184 26.45 6.02 -44.80
N ALA B 185 26.60 5.59 -46.06
CA ALA B 185 25.55 5.73 -47.05
C ALA B 185 24.52 4.60 -46.94
N ASN B 186 25.00 3.38 -46.71
CA ASN B 186 24.12 2.21 -46.63
C ASN B 186 23.78 1.80 -45.20
N ALA B 187 24.33 2.52 -44.22
CA ALA B 187 24.10 2.21 -42.82
C ALA B 187 22.66 2.55 -42.42
N PHE B 188 22.21 3.73 -42.79
CA PHE B 188 20.88 4.19 -42.40
C PHE B 188 19.85 4.02 -43.51
N ASN B 189 20.13 3.13 -44.46
CA ASN B 189 19.17 2.80 -45.50
C ASN B 189 17.92 2.17 -44.90
N ASN B 190 16.80 2.30 -45.60
CA ASN B 190 15.51 1.82 -45.13
C ASN B 190 15.11 2.42 -43.77
N SER B 191 15.52 3.65 -43.54
CA SER B 191 15.02 4.42 -42.42
C SER B 191 14.09 5.47 -42.98
N ILE B 192 13.03 5.79 -42.25
CA ILE B 192 12.08 6.81 -42.68
C ILE B 192 12.76 8.17 -42.65
N ILE B 193 12.72 8.87 -43.80
CA ILE B 193 13.55 10.05 -44.01
C ILE B 193 12.77 11.20 -44.67
N PRO B 194 12.90 12.41 -44.12
CA PRO B 194 12.28 13.62 -44.70
C PRO B 194 13.08 14.19 -45.85
N GLU B 195 12.72 15.37 -46.32
CA GLU B 195 13.50 16.03 -47.36
C GLU B 195 14.63 16.84 -46.75
N ASP B 196 15.64 17.15 -47.57
CA ASP B 196 16.78 18.01 -47.18
C ASP B 196 17.80 17.38 -46.23
N THR B 197 17.62 16.11 -45.88
CA THR B 197 18.55 15.42 -44.97
C THR B 197 19.77 14.89 -45.70
N PHE B 198 20.96 15.16 -45.16
CA PHE B 198 22.20 14.85 -45.87
C PHE B 198 22.76 13.45 -45.62
N PHE B 199 23.12 12.78 -46.71
CA PHE B 199 23.84 11.51 -46.66
C PHE B 199 25.10 11.66 -47.51
N PRO B 200 26.24 11.15 -47.01
CA PRO B 200 27.46 11.17 -47.82
C PRO B 200 27.45 10.05 -48.86
N SER B 201 27.93 10.34 -50.07
CA SER B 201 27.99 9.33 -51.13
C SER B 201 29.16 8.33 -51.00
N PRO B 202 30.40 8.81 -50.77
CA PRO B 202 31.46 7.82 -50.58
C PRO B 202 31.81 7.58 -49.11
N ALA C 4 16.90 10.95 6.09
CA ALA C 4 16.42 9.59 6.34
C ALA C 4 16.33 8.79 5.05
N GLY C 5 15.26 8.02 4.91
CA GLY C 5 15.06 7.19 3.73
C GLY C 5 15.24 5.70 3.98
N VAL C 6 15.04 4.91 2.94
CA VAL C 6 15.22 3.47 2.98
C VAL C 6 16.49 3.07 2.23
N THR C 7 17.34 2.27 2.87
CA THR C 7 18.62 1.89 2.29
C THR C 7 18.71 0.40 1.98
N GLN C 8 19.07 0.07 0.75
CA GLN C 8 19.08 -1.33 0.29
C GLN C 8 20.41 -1.77 -0.30
N THR C 9 21.08 -2.73 0.34
CA THR C 9 22.40 -3.16 -0.11
C THR C 9 22.49 -4.67 -0.41
N PRO C 10 23.24 -5.04 -1.45
CA PRO C 10 23.94 -4.15 -2.38
C PRO C 10 23.05 -3.71 -3.54
N LYS C 11 23.64 -3.06 -4.54
CA LYS C 11 22.86 -2.62 -5.68
C LYS C 11 23.17 -3.47 -6.91
N PHE C 12 24.27 -4.21 -6.83
CA PHE C 12 24.65 -5.18 -7.85
C PHE C 12 25.27 -6.43 -7.25
N ARG C 13 25.08 -7.56 -7.90
CA ARG C 13 25.70 -8.81 -7.49
C ARG C 13 25.71 -9.82 -8.63
N VAL C 14 26.82 -10.56 -8.74
CA VAL C 14 26.92 -11.67 -9.68
C VAL C 14 27.16 -12.98 -8.92
N LEU C 15 26.30 -13.97 -9.16
CA LEU C 15 26.40 -15.26 -8.46
C LEU C 15 26.46 -16.50 -9.35
N LYS C 16 27.30 -17.46 -8.96
CA LYS C 16 27.24 -18.79 -9.56
C LYS C 16 26.07 -19.51 -8.91
N THR C 17 25.45 -20.43 -9.64
CA THR C 17 24.28 -21.11 -9.12
C THR C 17 24.61 -21.96 -7.88
N GLY C 18 23.77 -21.87 -6.86
CA GLY C 18 23.97 -22.63 -5.64
C GLY C 18 24.49 -21.83 -4.46
N GLN C 19 24.83 -20.56 -4.72
CA GLN C 19 25.38 -19.70 -3.68
C GLN C 19 24.29 -19.12 -2.77
N SER C 20 24.58 -19.05 -1.48
CA SER C 20 23.70 -18.41 -0.51
C SER C 20 24.12 -16.96 -0.30
N MET C 21 23.20 -16.04 -0.52
CA MET C 21 23.50 -14.62 -0.39
C MET C 21 22.33 -13.89 0.25
N THR C 22 22.62 -12.79 0.92
CA THR C 22 21.59 -12.05 1.64
C THR C 22 21.54 -10.58 1.22
N LEU C 23 20.37 -9.99 1.32
CA LEU C 23 20.16 -8.61 0.91
C LEU C 23 19.59 -7.82 2.06
N LEU C 24 20.24 -6.70 2.40
CA LEU C 24 19.83 -5.88 3.53
C LEU C 24 18.80 -4.83 3.10
N CYS C 25 18.02 -4.36 4.05
CA CYS C 25 17.12 -3.21 3.84
C CYS C 25 16.86 -2.49 5.16
N ALA C 26 17.09 -1.19 5.21
CA ALA C 26 17.03 -0.48 6.49
C ALA C 26 16.29 0.87 6.48
N GLN C 27 15.42 1.04 7.46
CA GLN C 27 14.59 2.24 7.57
C GLN C 27 14.97 3.14 8.77
N ASP C 28 15.17 4.42 8.49
CA ASP C 28 15.40 5.41 9.54
C ASP C 28 14.03 5.97 9.88
N MET C 29 13.04 5.45 9.17
CA MET C 29 11.75 6.09 9.08
C MET C 29 10.73 5.63 10.12
N ASN C 30 11.10 4.62 10.90
CA ASN C 30 10.29 4.20 12.04
C ASN C 30 8.89 3.70 11.66
N HIS C 31 8.79 2.89 10.62
CA HIS C 31 7.52 2.28 10.22
C HIS C 31 7.38 0.86 10.79
N GLU C 32 6.15 0.33 10.76
CA GLU C 32 5.92 -1.07 11.07
C GLU C 32 6.33 -1.96 9.91
N TYR C 33 5.76 -1.64 8.75
CA TYR C 33 5.73 -2.55 7.62
C TYR C 33 7.00 -2.59 6.78
N MET C 34 7.32 -3.79 6.30
CA MET C 34 8.46 -3.98 5.40
C MET C 34 8.13 -4.99 4.30
N TYR C 35 8.52 -4.65 3.08
CA TYR C 35 8.23 -5.48 1.93
C TYR C 35 9.52 -5.75 1.16
N TRP C 36 9.51 -6.84 0.41
CA TRP C 36 10.56 -7.11 -0.55
C TRP C 36 9.88 -7.42 -1.88
N TYR C 37 10.40 -6.90 -2.98
CA TYR C 37 9.79 -7.10 -4.28
C TYR C 37 10.76 -7.70 -5.32
N ARG C 38 10.18 -8.24 -6.38
CA ARG C 38 10.95 -8.80 -7.48
C ARG C 38 10.37 -8.35 -8.81
N GLN C 39 11.05 -7.42 -9.48
CA GLN C 39 10.54 -6.84 -10.71
C GLN C 39 11.17 -7.46 -11.94
N ASP C 40 10.33 -7.90 -12.87
CA ASP C 40 10.80 -8.55 -14.09
C ASP C 40 10.27 -7.83 -15.32
N PRO C 41 10.94 -8.02 -16.47
CA PRO C 41 10.51 -7.34 -17.69
C PRO C 41 9.08 -7.69 -18.10
N GLY C 42 8.31 -6.67 -18.47
CA GLY C 42 6.96 -6.87 -18.94
C GLY C 42 5.97 -7.21 -17.85
N MET C 43 6.46 -7.31 -16.62
CA MET C 43 5.61 -7.65 -15.48
C MET C 43 5.71 -6.63 -14.36
N GLY C 44 4.60 -6.40 -13.67
CA GLY C 44 4.59 -5.52 -12.52
C GLY C 44 5.32 -6.15 -11.35
N LEU C 45 5.43 -5.40 -10.26
CA LEU C 45 6.11 -5.87 -9.06
C LEU C 45 5.42 -7.09 -8.46
N ARG C 46 6.20 -8.04 -7.96
CA ARG C 46 5.66 -9.22 -7.29
C ARG C 46 6.26 -9.39 -5.90
N LEU C 47 5.40 -9.50 -4.89
CA LEU C 47 5.86 -9.50 -3.50
C LEU C 47 6.34 -10.88 -3.04
N ILE C 48 7.59 -10.96 -2.61
CA ILE C 48 8.13 -12.22 -2.12
C ILE C 48 7.72 -12.51 -0.69
N HIS C 49 7.84 -11.52 0.19
CA HIS C 49 7.59 -11.73 1.60
C HIS C 49 7.27 -10.38 2.21
N TYR C 50 6.44 -10.36 3.26
CA TYR C 50 6.19 -9.11 3.95
C TYR C 50 6.21 -9.28 5.47
N SER C 51 6.60 -8.21 6.16
CA SER C 51 6.66 -8.22 7.62
C SER C 51 5.84 -7.10 8.21
N VAL C 52 4.81 -7.48 8.96
CA VAL C 52 3.88 -6.55 9.56
C VAL C 52 4.50 -5.68 10.62
N GLY C 53 5.27 -6.34 11.48
CA GLY C 53 5.91 -5.70 12.60
C GLY C 53 7.14 -6.52 12.91
N GLU C 54 7.97 -6.01 13.81
CA GLU C 54 9.22 -6.68 14.15
C GLU C 54 8.97 -8.11 14.61
N GLY C 55 9.74 -9.05 14.07
CA GLY C 55 9.68 -10.43 14.50
C GLY C 55 8.67 -11.29 13.75
N THR C 56 7.70 -10.65 13.11
CA THR C 56 6.67 -11.39 12.37
C THR C 56 6.69 -11.11 10.86
N THR C 57 6.76 -12.19 10.08
CA THR C 57 6.77 -12.11 8.62
C THR C 57 5.76 -13.08 8.03
N ALA C 58 5.45 -12.91 6.76
CA ALA C 58 4.51 -13.80 6.09
C ALA C 58 4.80 -13.94 4.60
N LYS C 59 4.47 -15.11 4.05
CA LYS C 59 4.67 -15.37 2.62
C LYS C 59 3.86 -14.40 1.77
N GLY C 60 4.50 -13.84 0.76
CA GLY C 60 3.82 -12.95 -0.16
C GLY C 60 3.30 -13.71 -1.36
N GLU C 61 3.36 -13.08 -2.53
CA GLU C 61 2.84 -13.67 -3.75
C GLU C 61 3.68 -14.80 -4.30
N VAL C 62 5.00 -14.62 -4.33
CA VAL C 62 5.88 -15.58 -5.00
C VAL C 62 7.18 -15.89 -4.23
N PRO C 63 7.11 -16.77 -3.22
CA PRO C 63 8.40 -16.88 -2.54
C PRO C 63 8.91 -18.30 -2.35
N ASP C 64 9.42 -18.90 -3.42
CA ASP C 64 10.02 -20.21 -3.29
C ASP C 64 11.46 -20.08 -2.83
N GLY C 65 12.23 -19.26 -3.53
CA GLY C 65 13.65 -19.18 -3.26
C GLY C 65 14.01 -18.49 -1.96
N TYR C 66 13.09 -17.72 -1.43
CA TYR C 66 13.45 -16.71 -0.45
C TYR C 66 12.94 -16.94 0.95
N ASN C 67 13.85 -16.81 1.91
CA ASN C 67 13.53 -16.92 3.32
C ASN C 67 13.94 -15.64 4.01
N VAL C 68 13.05 -15.15 4.86
CA VAL C 68 13.14 -13.79 5.32
C VAL C 68 13.10 -13.71 6.84
N SER C 69 13.89 -12.81 7.41
CA SER C 69 13.87 -12.56 8.84
C SER C 69 13.82 -11.07 9.17
N ARG C 70 13.27 -10.75 10.35
CA ARG C 70 13.23 -9.38 10.82
C ARG C 70 13.97 -9.20 12.14
N LEU C 71 15.19 -8.67 12.05
CA LEU C 71 16.04 -8.42 13.20
C LEU C 71 15.39 -7.40 14.12
N LYS C 72 15.49 -6.14 13.71
CA LYS C 72 14.88 -5.02 14.43
C LYS C 72 13.68 -4.51 13.66
N LYS C 73 13.16 -3.37 14.10
CA LYS C 73 12.12 -2.66 13.35
C LYS C 73 12.75 -2.03 12.12
N GLN C 74 14.04 -1.69 12.22
CA GLN C 74 14.77 -0.98 11.18
C GLN C 74 15.28 -1.86 10.04
N ASN C 75 15.61 -3.12 10.34
CA ASN C 75 16.19 -4.02 9.35
C ASN C 75 15.23 -5.10 8.84
N PHE C 76 15.25 -5.31 7.54
CA PHE C 76 14.50 -6.38 6.90
C PHE C 76 15.40 -7.13 5.93
N LEU C 77 15.69 -8.39 6.25
CA LEU C 77 16.62 -9.17 5.45
C LEU C 77 15.93 -10.05 4.42
N LEU C 78 16.54 -10.17 3.25
CA LEU C 78 16.11 -11.13 2.26
C LEU C 78 17.24 -12.13 2.18
N GLY C 79 16.92 -13.35 1.78
CA GLY C 79 17.94 -14.34 1.58
C GLY C 79 17.47 -15.39 0.62
N LEU C 80 18.41 -15.92 -0.14
CA LEU C 80 18.19 -17.12 -0.94
C LEU C 80 19.39 -17.97 -0.60
N GLU C 81 19.14 -19.20 -0.14
CA GLU C 81 20.22 -20.07 0.29
C GLU C 81 20.77 -20.86 -0.89
N SER C 82 19.91 -21.20 -1.83
CA SER C 82 20.35 -21.84 -3.06
C SER C 82 19.92 -21.01 -4.25
N ALA C 83 20.90 -20.51 -4.99
CA ALA C 83 20.63 -19.63 -6.12
C ALA C 83 20.29 -20.40 -7.39
N ALA C 84 19.35 -19.86 -8.15
CA ALA C 84 18.91 -20.46 -9.41
C ALA C 84 18.96 -19.42 -10.51
N PRO C 85 19.13 -19.86 -11.78
CA PRO C 85 19.12 -18.91 -12.89
C PRO C 85 17.80 -18.18 -13.01
N SER C 86 16.71 -18.83 -12.58
CA SER C 86 15.38 -18.24 -12.64
C SER C 86 15.21 -17.12 -11.62
N GLN C 87 16.21 -16.95 -10.75
CA GLN C 87 16.14 -15.92 -9.72
C GLN C 87 16.78 -14.61 -10.15
N THR C 88 17.21 -14.55 -11.41
CA THR C 88 17.72 -13.32 -12.00
C THR C 88 16.61 -12.27 -12.10
N SER C 89 16.77 -11.16 -11.38
CA SER C 89 15.78 -10.09 -11.42
C SER C 89 16.28 -8.83 -10.73
N VAL C 90 15.43 -7.81 -10.68
CA VAL C 90 15.76 -6.58 -10.01
C VAL C 90 14.93 -6.42 -8.75
N TYR C 91 15.54 -6.71 -7.61
CA TYR C 91 14.82 -6.72 -6.35
C TYR C 91 14.67 -5.31 -5.79
N PHE C 92 13.53 -5.08 -5.15
CA PHE C 92 13.32 -3.81 -4.46
C PHE C 92 12.82 -4.04 -3.04
N CYS C 93 13.53 -3.45 -2.09
CA CYS C 93 13.05 -3.42 -0.72
C CYS C 93 12.22 -2.15 -0.50
N ALA C 94 11.39 -2.19 0.54
CA ALA C 94 10.31 -1.21 0.65
C ALA C 94 9.65 -1.22 2.03
N SER C 95 9.57 -0.06 2.68
CA SER C 95 8.97 0.03 4.01
C SER C 95 7.97 1.19 4.12
N SER C 96 6.82 0.92 4.73
CA SER C 96 5.72 1.88 4.81
C SER C 96 4.82 1.71 6.04
N TYR C 97 4.01 2.70 6.32
CA TYR C 97 2.99 2.57 7.36
C TYR C 97 1.97 1.53 6.92
N PRO C 98 1.11 1.06 7.86
CA PRO C 98 0.15 0.05 7.40
C PRO C 98 -0.78 0.62 6.35
N PRO C 99 -1.30 -0.25 5.48
CA PRO C 99 -2.14 0.12 4.35
C PRO C 99 -3.44 0.82 4.75
N ASP C 100 -3.82 0.83 6.03
CA ASP C 100 -4.97 1.63 6.43
C ASP C 100 -4.55 2.97 5.91
N GLY C 101 -5.34 3.50 5.00
CA GLY C 101 -4.76 4.42 4.03
C GLY C 101 -5.12 5.87 4.14
N GLY C 102 -4.93 6.57 3.03
CA GLY C 102 -4.00 6.06 2.02
C GLY C 102 -2.61 6.28 2.59
N ASN C 103 -1.87 5.19 2.82
CA ASN C 103 -0.54 5.37 3.36
C ASN C 103 0.49 4.92 2.35
N THR C 104 1.21 5.89 1.82
CA THR C 104 2.09 5.70 0.69
C THR C 104 3.19 4.74 1.07
N ILE C 105 3.73 4.06 0.06
CA ILE C 105 4.81 3.14 0.32
C ILE C 105 6.14 3.71 -0.21
N TYR C 106 7.17 3.63 0.63
CA TYR C 106 8.49 4.16 0.32
C TYR C 106 9.44 3.07 -0.15
N PHE C 107 10.14 3.31 -1.24
CA PHE C 107 10.92 2.27 -1.90
C PHE C 107 12.43 2.37 -1.73
N GLY C 108 13.07 1.20 -1.69
CA GLY C 108 14.52 1.10 -1.60
C GLY C 108 15.16 1.15 -2.97
N GLU C 109 16.36 1.71 -3.06
CA GLU C 109 17.01 2.04 -4.32
C GLU C 109 17.25 0.85 -5.27
N GLY C 110 16.97 -0.35 -4.80
CA GLY C 110 16.98 -1.51 -5.69
C GLY C 110 18.23 -2.34 -5.62
N SER C 111 18.11 -3.58 -6.11
CA SER C 111 19.23 -4.50 -6.15
C SER C 111 19.20 -5.31 -7.45
N TRP C 112 20.23 -5.14 -8.27
CA TRP C 112 20.33 -5.90 -9.50
C TRP C 112 21.09 -7.20 -9.31
N LEU C 113 20.58 -8.26 -9.91
CA LEU C 113 21.09 -9.61 -9.65
C LEU C 113 21.17 -10.44 -10.93
N THR C 114 22.30 -11.13 -11.11
CA THR C 114 22.55 -11.98 -12.27
C THR C 114 23.68 -12.94 -11.95
N VAL C 115 23.39 -14.22 -11.71
CA VAL C 115 22.03 -14.78 -11.76
C VAL C 115 21.26 -14.44 -10.49
N LEU C 119 30.85 -18.72 -14.01
CA LEU C 119 31.40 -17.37 -13.94
C LEU C 119 32.33 -17.09 -15.12
N LYS C 120 32.35 -18.01 -16.08
CA LYS C 120 33.26 -17.89 -17.21
C LYS C 120 32.77 -16.90 -18.27
N ASN C 121 31.47 -16.62 -18.25
CA ASN C 121 30.89 -15.71 -19.24
C ASN C 121 30.94 -14.26 -18.77
N VAL C 122 31.53 -14.03 -17.60
CA VAL C 122 31.66 -12.69 -17.06
C VAL C 122 32.82 -11.92 -17.70
N PHE C 123 32.51 -10.78 -18.29
CA PHE C 123 33.50 -9.97 -18.99
C PHE C 123 33.30 -8.49 -18.77
N PRO C 124 34.40 -7.74 -18.65
CA PRO C 124 34.37 -6.28 -18.53
C PRO C 124 34.13 -5.65 -19.89
N PRO C 125 33.63 -4.41 -19.93
CA PRO C 125 33.36 -3.75 -21.21
C PRO C 125 34.62 -3.27 -21.94
N GLU C 126 34.55 -3.25 -23.26
CA GLU C 126 35.59 -2.62 -24.07
C GLU C 126 35.12 -1.23 -24.45
N VAL C 127 35.82 -0.21 -23.98
CA VAL C 127 35.40 1.16 -24.23
C VAL C 127 36.26 1.83 -25.30
N ALA C 128 35.60 2.61 -26.16
CA ALA C 128 36.27 3.34 -27.23
C ALA C 128 35.51 4.61 -27.56
N VAL C 129 36.22 5.69 -27.83
CA VAL C 129 35.59 6.93 -28.28
C VAL C 129 35.89 7.23 -29.73
N PHE C 130 34.98 7.93 -30.39
CA PHE C 130 35.15 8.29 -31.79
C PHE C 130 34.99 9.79 -31.97
N GLU C 131 36.01 10.42 -32.54
CA GLU C 131 36.08 11.87 -32.67
C GLU C 131 35.03 12.43 -33.63
N PRO C 132 34.58 13.68 -33.40
CA PRO C 132 33.54 14.31 -34.22
C PRO C 132 33.90 14.34 -35.70
N SER C 133 32.89 14.40 -36.56
CA SER C 133 33.12 14.48 -37.99
C SER C 133 33.50 15.89 -38.42
N GLU C 134 34.42 16.00 -39.37
CA GLU C 134 34.84 17.30 -39.87
C GLU C 134 33.70 17.99 -40.61
N ALA C 135 32.82 17.19 -41.20
CA ALA C 135 31.66 17.70 -41.92
C ALA C 135 30.67 18.35 -40.95
N GLU C 136 30.52 17.77 -39.77
CA GLU C 136 29.56 18.25 -38.78
C GLU C 136 29.95 19.62 -38.23
N ILE C 137 31.25 19.83 -38.05
CA ILE C 137 31.78 21.06 -37.48
C ILE C 137 31.58 22.27 -38.39
N SER C 138 31.85 22.09 -39.68
CA SER C 138 31.73 23.18 -40.64
C SER C 138 30.28 23.40 -41.07
N HIS C 139 29.40 22.49 -40.65
CA HIS C 139 27.99 22.55 -41.06
C HIS C 139 27.11 23.12 -39.96
N THR C 140 27.03 22.41 -38.84
CA THR C 140 26.14 22.80 -37.76
C THR C 140 26.87 23.62 -36.69
N GLN C 141 28.17 23.83 -36.89
CA GLN C 141 29.01 24.53 -35.92
C GLN C 141 29.03 23.85 -34.56
N LYS C 142 28.77 22.54 -34.54
CA LYS C 142 28.79 21.75 -33.33
C LYS C 142 29.59 20.47 -33.54
N ALA C 143 30.08 19.88 -32.45
CA ALA C 143 30.88 18.66 -32.54
C ALA C 143 30.33 17.58 -31.61
N THR C 144 30.25 16.36 -32.09
CA THR C 144 29.66 15.26 -31.32
C THR C 144 30.60 14.07 -31.18
N LEU C 145 30.92 13.71 -29.95
CA LEU C 145 31.75 12.53 -29.66
C LEU C 145 30.88 11.31 -29.40
N VAL C 146 31.36 10.13 -29.81
CA VAL C 146 30.59 8.90 -29.63
C VAL C 146 31.38 7.80 -28.92
N CYS C 147 30.82 7.33 -27.80
CA CYS C 147 31.45 6.26 -27.02
C CYS C 147 30.72 4.95 -27.20
N LEU C 148 31.48 3.86 -27.25
CA LEU C 148 30.93 2.53 -27.41
C LEU C 148 31.48 1.57 -26.36
N ALA C 149 30.62 1.07 -25.49
CA ALA C 149 31.02 0.07 -24.52
C ALA C 149 30.47 -1.28 -24.97
N THR C 150 31.35 -2.19 -25.39
CA THR C 150 30.89 -3.44 -26.00
C THR C 150 31.41 -4.70 -25.31
N GLY C 151 30.73 -5.81 -25.55
CA GLY C 151 31.16 -7.12 -25.10
C GLY C 151 31.24 -7.38 -23.61
N PHE C 152 30.32 -6.81 -22.85
CA PHE C 152 30.34 -6.99 -21.39
C PHE C 152 29.19 -7.84 -20.85
N TYR C 153 29.50 -8.72 -19.91
CA TYR C 153 28.49 -9.54 -19.27
C TYR C 153 28.88 -9.74 -17.81
N PRO C 154 27.90 -9.69 -16.90
CA PRO C 154 26.49 -9.41 -17.16
C PRO C 154 26.24 -7.92 -17.34
N ASP C 155 24.99 -7.54 -17.44
CA ASP C 155 24.66 -6.13 -17.59
C ASP C 155 24.64 -5.42 -16.25
N HIS C 156 25.74 -4.74 -15.95
CA HIS C 156 25.81 -3.81 -14.83
C HIS C 156 26.77 -2.71 -15.25
N VAL C 157 26.24 -1.56 -15.64
CA VAL C 157 27.08 -0.50 -16.19
C VAL C 157 26.62 0.92 -15.88
N GLU C 158 27.59 1.80 -15.63
CA GLU C 158 27.30 3.20 -15.40
C GLU C 158 28.29 4.06 -16.19
N LEU C 159 27.78 4.67 -17.25
CA LEU C 159 28.60 5.46 -18.16
C LEU C 159 28.43 6.96 -17.91
N SER C 160 29.55 7.66 -17.79
CA SER C 160 29.54 9.11 -17.58
C SER C 160 30.67 9.77 -18.36
N TRP C 161 30.44 11.02 -18.78
CA TRP C 161 31.44 11.74 -19.58
C TRP C 161 32.30 12.68 -18.75
N TRP C 162 33.58 12.76 -19.11
CA TRP C 162 34.54 13.55 -18.35
C TRP C 162 35.34 14.50 -19.23
N VAL C 163 35.23 15.79 -18.94
CA VAL C 163 35.96 16.82 -19.68
C VAL C 163 36.92 17.56 -18.75
N ASN C 164 38.21 17.47 -19.06
CA ASN C 164 39.25 18.14 -18.28
C ASN C 164 39.20 17.81 -16.80
N GLY C 165 38.83 16.56 -16.48
CA GLY C 165 38.86 16.10 -15.10
C GLY C 165 37.54 16.26 -14.36
N LYS C 166 36.64 17.07 -14.92
CA LYS C 166 35.33 17.28 -14.31
C LYS C 166 34.24 16.58 -15.10
N GLU C 167 33.29 15.95 -14.40
CA GLU C 167 32.22 15.22 -15.06
C GLU C 167 31.22 16.18 -15.67
N VAL C 168 30.82 15.92 -16.91
CA VAL C 168 29.85 16.78 -17.59
C VAL C 168 28.51 16.08 -17.82
N HIS C 169 27.47 16.89 -17.98
CA HIS C 169 26.13 16.36 -18.13
C HIS C 169 25.43 16.94 -19.34
N SER C 170 25.39 18.27 -19.42
CA SER C 170 24.76 18.95 -20.56
C SER C 170 25.45 18.56 -21.86
N GLY C 171 24.66 18.06 -22.81
CA GLY C 171 25.18 17.64 -24.09
C GLY C 171 25.43 16.14 -24.17
N VAL C 172 25.10 15.44 -23.09
CA VAL C 172 25.27 13.99 -23.03
C VAL C 172 23.97 13.24 -23.33
N CYS C 173 24.00 12.43 -24.38
CA CYS C 173 22.88 11.57 -24.72
C CYS C 173 23.32 10.11 -24.64
N THR C 174 22.86 9.40 -23.62
CA THR C 174 23.24 8.02 -23.42
C THR C 174 22.01 7.13 -23.52
N ASP C 175 22.17 5.91 -24.01
CA ASP C 175 21.06 4.98 -24.11
C ASP C 175 20.48 4.70 -22.72
N PRO C 176 19.18 4.34 -22.65
CA PRO C 176 18.54 4.07 -21.36
C PRO C 176 19.12 2.82 -20.71
N GLN C 177 19.19 1.76 -21.50
CA GLN C 177 19.73 0.48 -21.08
C GLN C 177 20.51 -0.04 -22.27
N PRO C 178 21.36 -1.05 -22.05
CA PRO C 178 22.14 -1.67 -23.13
C PRO C 178 21.35 -2.68 -23.95
N LEU C 179 21.77 -2.92 -25.18
CA LEU C 179 21.17 -3.95 -26.03
C LEU C 179 21.99 -5.24 -25.96
N LYS C 180 21.65 -6.22 -26.78
CA LYS C 180 22.44 -7.45 -26.85
C LYS C 180 23.16 -7.58 -28.20
N GLU C 181 24.35 -8.14 -28.17
CA GLU C 181 25.17 -8.27 -29.37
C GLU C 181 24.73 -9.46 -30.24
N GLN C 182 24.19 -10.49 -29.60
CA GLN C 182 23.65 -11.62 -30.33
C GLN C 182 22.27 -11.98 -29.78
N PRO C 183 21.25 -11.16 -30.12
CA PRO C 183 19.89 -11.30 -29.59
C PRO C 183 19.31 -12.69 -29.83
N ALA C 184 19.84 -13.38 -30.84
CA ALA C 184 19.46 -14.74 -31.12
C ALA C 184 19.91 -15.67 -30.00
N LEU C 185 21.14 -15.47 -29.54
CA LEU C 185 21.70 -16.28 -28.47
C LEU C 185 21.31 -15.73 -27.10
N ASN C 186 21.12 -16.64 -26.14
CA ASN C 186 20.71 -16.27 -24.79
C ASN C 186 21.91 -15.97 -23.89
N ASP C 187 23.09 -16.40 -24.30
CA ASP C 187 24.31 -16.20 -23.53
C ASP C 187 24.99 -14.90 -23.94
N SER C 188 24.34 -14.18 -24.87
CA SER C 188 24.92 -12.99 -25.47
C SER C 188 25.33 -11.92 -24.46
N ARG C 189 26.38 -11.18 -24.79
CA ARG C 189 26.81 -10.05 -23.96
C ARG C 189 26.06 -8.81 -24.39
N TYR C 190 26.39 -7.67 -23.81
CA TYR C 190 25.67 -6.44 -24.08
C TYR C 190 26.56 -5.37 -24.71
N ALA C 191 25.93 -4.38 -25.32
CA ALA C 191 26.63 -3.20 -25.81
C ALA C 191 25.90 -1.95 -25.35
N LEU C 192 26.60 -0.83 -25.29
CA LEU C 192 25.99 0.43 -24.88
C LEU C 192 26.66 1.60 -25.60
N SER C 193 25.87 2.56 -26.06
CA SER C 193 26.42 3.73 -26.75
C SER C 193 26.14 5.00 -25.97
N SER C 194 26.88 6.06 -26.29
CA SER C 194 26.70 7.36 -25.65
C SER C 194 27.19 8.50 -26.55
N ARG C 195 26.55 9.66 -26.46
CA ARG C 195 26.95 10.78 -27.30
C ARG C 195 27.17 12.03 -26.49
N LEU C 196 28.35 12.64 -26.65
CA LEU C 196 28.65 13.92 -26.02
C LEU C 196 28.82 14.98 -27.10
N ARG C 197 28.07 16.07 -26.96
CA ARG C 197 28.10 17.13 -27.96
C ARG C 197 28.58 18.46 -27.37
N VAL C 198 29.50 19.13 -28.05
CA VAL C 198 30.02 20.41 -27.59
C VAL C 198 30.26 21.37 -28.77
N SER C 199 30.42 22.65 -28.47
CA SER C 199 30.63 23.67 -29.50
C SER C 199 31.86 23.37 -30.35
N ALA C 200 31.83 23.83 -31.59
CA ALA C 200 32.89 23.61 -32.57
C ALA C 200 34.24 24.11 -32.06
N THR C 201 34.23 25.30 -31.48
CA THR C 201 35.44 25.89 -30.92
C THR C 201 36.00 25.05 -29.77
N PHE C 202 35.13 24.65 -28.85
CA PHE C 202 35.53 23.91 -27.66
C PHE C 202 36.25 22.62 -28.03
N TRP C 203 35.85 22.01 -29.14
CA TRP C 203 36.48 20.78 -29.58
C TRP C 203 37.81 21.03 -30.26
N GLN C 204 37.85 22.01 -31.17
CA GLN C 204 39.04 22.30 -31.97
C GLN C 204 40.26 22.69 -31.14
N ASN C 205 40.04 23.01 -29.88
CA ASN C 205 41.12 23.30 -28.93
C ASN C 205 41.76 22.00 -28.41
N PRO C 206 43.05 21.83 -28.68
CA PRO C 206 43.77 20.60 -28.32
C PRO C 206 44.01 20.48 -26.82
N ARG C 207 43.86 21.57 -26.08
CA ARG C 207 44.09 21.57 -24.64
C ARG C 207 43.00 20.83 -23.87
N ASN C 208 41.87 20.55 -24.54
CA ASN C 208 40.73 19.90 -23.92
C ASN C 208 40.82 18.37 -23.95
N HIS C 209 40.61 17.76 -22.79
CA HIS C 209 40.66 16.30 -22.66
C HIS C 209 39.26 15.73 -22.44
N PHE C 210 38.82 14.91 -23.40
CA PHE C 210 37.52 14.26 -23.31
C PHE C 210 37.71 12.79 -22.97
N ARG C 211 36.88 12.28 -22.06
CA ARG C 211 37.03 10.90 -21.58
C ARG C 211 35.70 10.21 -21.34
N CYS C 212 35.60 8.97 -21.83
CA CYS C 212 34.40 8.16 -21.64
C CYS C 212 34.67 7.16 -20.52
N GLN C 213 33.77 7.12 -19.53
CA GLN C 213 33.96 6.27 -18.36
C GLN C 213 32.82 5.29 -18.15
N VAL C 214 33.15 4.01 -18.18
CA VAL C 214 32.15 2.97 -17.95
C VAL C 214 32.46 2.21 -16.66
N GLN C 215 31.61 2.38 -15.66
CA GLN C 215 31.76 1.66 -14.40
C GLN C 215 31.11 0.31 -14.55
N PHE C 216 31.90 -0.74 -14.33
CA PHE C 216 31.41 -2.10 -14.44
C PHE C 216 31.35 -2.72 -13.06
N TYR C 217 30.36 -3.59 -12.84
CA TYR C 217 30.24 -4.33 -11.58
C TYR C 217 30.35 -5.82 -11.85
N GLY C 218 31.47 -6.42 -11.45
CA GLY C 218 31.69 -7.84 -11.70
C GLY C 218 31.77 -8.68 -10.45
N LEU C 219 32.70 -9.63 -10.44
CA LEU C 219 32.87 -10.53 -9.29
C LEU C 219 33.49 -9.80 -8.09
N SER C 220 33.42 -10.42 -6.92
CA SER C 220 34.01 -9.85 -5.72
C SER C 220 35.41 -10.41 -5.49
N GLU C 221 36.06 -9.95 -4.43
CA GLU C 221 37.45 -10.31 -4.15
C GLU C 221 37.62 -11.79 -3.83
N ASN C 222 36.67 -12.35 -3.09
CA ASN C 222 36.79 -13.74 -2.66
C ASN C 222 36.27 -14.76 -3.68
N ASP C 223 35.82 -14.29 -4.83
CA ASP C 223 35.30 -15.18 -5.87
C ASP C 223 36.40 -16.01 -6.51
N GLU C 224 36.21 -17.33 -6.53
CA GLU C 224 37.19 -18.26 -7.07
C GLU C 224 37.45 -18.03 -8.55
N TRP C 225 38.72 -17.84 -8.91
CA TRP C 225 39.10 -17.65 -10.31
C TRP C 225 40.29 -18.51 -10.69
N THR C 226 39.99 -19.63 -11.34
CA THR C 226 41.03 -20.56 -11.78
C THR C 226 41.33 -20.35 -13.26
N GLN C 227 40.56 -19.46 -13.88
CA GLN C 227 40.68 -19.21 -15.31
C GLN C 227 41.99 -18.52 -15.69
N ASP C 228 42.46 -18.81 -16.91
CA ASP C 228 43.73 -18.28 -17.40
C ASP C 228 43.61 -16.80 -17.71
N ARG C 229 42.39 -16.34 -17.96
CA ARG C 229 42.18 -14.94 -18.31
C ARG C 229 42.10 -14.02 -17.09
N ALA C 230 42.03 -12.71 -17.34
CA ALA C 230 41.97 -11.71 -16.28
C ALA C 230 40.67 -11.79 -15.50
N LYS C 231 40.77 -11.88 -14.18
CA LYS C 231 39.59 -11.95 -13.30
C LYS C 231 38.72 -10.71 -13.46
N PRO C 232 37.46 -10.90 -13.90
CA PRO C 232 36.53 -9.82 -14.22
C PRO C 232 35.90 -9.18 -12.98
N VAL C 233 36.69 -8.42 -12.22
CA VAL C 233 36.20 -7.78 -11.01
C VAL C 233 35.62 -6.41 -11.32
N THR C 234 35.11 -5.74 -10.29
CA THR C 234 34.57 -4.40 -10.45
C THR C 234 35.66 -3.42 -10.85
N GLN C 235 35.49 -2.82 -12.02
CA GLN C 235 36.53 -1.98 -12.59
C GLN C 235 35.93 -0.85 -13.40
N ILE C 236 36.70 0.22 -13.55
CA ILE C 236 36.30 1.34 -14.38
C ILE C 236 37.09 1.31 -15.68
N VAL C 237 36.44 0.94 -16.77
CA VAL C 237 37.08 0.91 -18.07
C VAL C 237 36.79 2.20 -18.85
N SER C 238 37.83 2.82 -19.38
CA SER C 238 37.69 4.14 -19.99
C SER C 238 38.29 4.23 -21.39
N ALA C 239 37.96 5.34 -22.07
CA ALA C 239 38.58 5.69 -23.34
C ALA C 239 38.67 7.21 -23.39
N GLU C 240 39.74 7.72 -23.99
CA GLU C 240 39.97 9.17 -24.00
C GLU C 240 40.14 9.72 -25.41
N ALA C 241 39.90 11.01 -25.56
CA ALA C 241 40.08 11.67 -26.86
C ALA C 241 40.47 13.13 -26.70
N TRP C 242 41.46 13.56 -27.47
CA TRP C 242 41.97 14.93 -27.39
C TRP C 242 41.40 15.78 -28.52
N GLY C 243 41.13 17.05 -28.21
CA GLY C 243 40.61 17.98 -29.19
C GLY C 243 41.53 18.15 -30.38
N ARG C 244 40.93 18.38 -31.55
CA ARG C 244 41.71 18.45 -32.79
C ARG C 244 41.38 19.71 -33.59
N ALA C 245 42.42 20.45 -33.96
CA ALA C 245 42.23 21.68 -34.73
C ALA C 245 42.19 21.40 -36.22
#